data_6SS2
#
_entry.id   6SS2
#
_cell.length_a   149.061
_cell.length_b   149.061
_cell.length_c   123.287
_cell.angle_alpha   90.000
_cell.angle_beta   90.000
_cell.angle_gamma   120.000
#
_symmetry.space_group_name_H-M   'H 3'
#
loop_
_entity.id
_entity.type
_entity.pdbx_description
1 polymer 'Arginase-2, mitochondrial'
2 polymer 'Fab C0021158 heavy chain (IgG1)'
3 polymer 'Fab C0021158 light chain (IgG1)'
4 non-polymer GLYCEROL
5 non-polymer 'MANGANESE (II) ION'
6 non-polymer 'SULFATE ION'
7 water water
#
loop_
_entity_poly.entity_id
_entity_poly.type
_entity_poly.pdbx_seq_one_letter_code
_entity_poly.pdbx_strand_id
1 'polypeptide(L)'
;MVHSVAVIGAPFSQGQKRKGVEHGPAAIREAGLMKRLSSLGCHLKDFGDLSFTPVPKDDLYNNLIVNPRSVGLANQELAE
VVSRAVSDGYSCVTLGGDHSLAIGTISGHARH(CSO)PDLCVVWVDAHADINTPLTTSSGNLHGQPVSFLLRELQDKVPQ
LPGFSWIKPCISSASIVYIGLRDVDPPEHFILKNYDIQYFSMRDIDRLGIQKVMERTFDLLIGKRQRPIHLSFDIDAFDP
TLAPATGTPVVGGLTYREGMYIAEEIHNTGLLSALDLVEVNPQLATSEEEAKTTANLAVDVIASSFGQTREGGHIVYDQL
PTPSSPDESENQARVRIHHHHHH
;
AAA
2 'polypeptide(L)'
;GAHSEVQLLESGGGLVQPGGSLRLSCAASGFTFRYEVAAWVRQAPGKGLEWVSAISGPIPKGYYADSVKGRFTISRDNSK
NTLYLQMNSLRAEDTAVYYCARLRADLGLYMDLWGRGTLVTVSSASTKGPSVFPLAPSSKSTSGGTAALGCLVKDYFPEP
VTVSWNSGALTSGVHTFPAVLQSSGLYSLSSVVTVPSSSLGTQTYICNVNHKPSNTKVDKRVEPKSCDKTHAA
;
HHH
3 'polypeptide(L)'
;GVHSQSVLTQPPSVSAAPGQKVTISCSGSSSNIGNHYVSWYQQLPGTAPKLLIYDNSERTAGVPDRFSGSKSGTSATLGI
TGLQTGDEADYYCGTWDELTSNLVFGGGTKLTVLGQPKAAPSVTLFPPSSEELQANKATLVCLISDFYPGAVTVAWKADS
SPVKAGVETTTPSKQSNNKYAASSYLSLTPEQWKSHRSYSCQVTHEGSTVEKTVAPTECS
;
LLL
#
loop_
_chem_comp.id
_chem_comp.type
_chem_comp.name
_chem_comp.formula
GOL non-polymer GLYCEROL 'C3 H8 O3'
MN non-polymer 'MANGANESE (II) ION' 'Mn 2'
SO4 non-polymer 'SULFATE ION' 'O4 S -2'
#
# COMPACT_ATOMS: atom_id res chain seq x y z
N MET A 1 27.00 43.02 17.50
CA MET A 1 26.06 42.09 16.80
C MET A 1 26.83 40.88 16.25
N VAL A 2 26.19 39.71 16.28
CA VAL A 2 26.61 38.48 15.56
C VAL A 2 25.50 38.11 14.56
N HIS A 3 25.85 37.32 13.54
CA HIS A 3 25.00 36.99 12.36
C HIS A 3 23.89 36.01 12.76
N SER A 4 22.62 36.34 12.51
CA SER A 4 21.43 35.56 12.95
C SER A 4 20.87 34.72 11.80
N VAL A 5 20.56 33.45 12.10
CA VAL A 5 20.06 32.45 11.10
C VAL A 5 18.75 31.84 11.59
N ALA A 6 17.74 31.83 10.74
CA ALA A 6 16.43 31.17 10.96
C ALA A 6 16.39 29.92 10.10
N VAL A 7 15.85 28.83 10.65
CA VAL A 7 15.82 27.50 9.99
C VAL A 7 14.36 27.04 9.95
N ILE A 8 13.90 26.70 8.75
CA ILE A 8 12.51 26.23 8.44
C ILE A 8 12.61 24.89 7.70
N GLY A 9 11.88 23.87 8.17
CA GLY A 9 11.58 22.68 7.36
C GLY A 9 10.36 22.89 6.46
N ALA A 10 10.50 22.63 5.16
CA ALA A 10 9.41 22.66 4.16
C ALA A 10 9.41 21.30 3.44
N PRO A 11 8.81 20.26 4.08
CA PRO A 11 8.85 18.90 3.57
C PRO A 11 7.77 18.72 2.51
N PHE A 12 7.96 19.39 1.36
CA PHE A 12 6.99 19.54 0.26
C PHE A 12 7.43 18.64 -0.90
N SER A 13 6.48 17.94 -1.51
CA SER A 13 6.69 17.10 -2.72
C SER A 13 5.34 16.96 -3.41
N GLN A 14 5.30 16.27 -4.55
CA GLN A 14 4.04 15.89 -5.25
C GLN A 14 3.89 14.37 -5.21
N GLY A 15 4.51 13.72 -4.23
CA GLY A 15 4.43 12.27 -4.05
C GLY A 15 5.03 11.54 -5.24
N GLN A 16 4.38 10.47 -5.68
CA GLN A 16 4.84 9.59 -6.80
C GLN A 16 6.16 8.95 -6.37
N LYS A 17 7.20 9.00 -7.23
CA LYS A 17 8.51 8.36 -6.94
C LYS A 17 9.32 9.19 -5.96
N ARG A 18 8.98 10.47 -5.80
CA ARG A 18 9.77 11.46 -5.01
C ARG A 18 9.18 11.69 -3.61
N LYS A 19 8.27 10.84 -3.13
CA LYS A 19 7.57 11.01 -1.82
C LYS A 19 8.60 11.12 -0.68
N GLY A 20 9.67 10.31 -0.71
CA GLY A 20 10.69 10.28 0.35
C GLY A 20 11.37 11.61 0.62
N VAL A 21 11.35 12.57 -0.33
CA VAL A 21 12.01 13.91 -0.21
C VAL A 21 11.39 14.68 0.97
N GLU A 22 10.17 14.34 1.37
CA GLU A 22 9.49 14.97 2.53
C GLU A 22 10.24 14.60 3.82
N HIS A 23 11.24 13.71 3.77
CA HIS A 23 12.04 13.27 4.95
C HIS A 23 13.40 13.96 4.97
N GLY A 24 13.70 14.80 3.97
CA GLY A 24 14.97 15.53 3.88
C GLY A 24 15.16 16.44 5.08
N PRO A 25 14.17 17.28 5.43
CA PRO A 25 14.32 18.17 6.59
C PRO A 25 14.86 17.39 7.80
N ALA A 26 14.15 16.35 8.23
CA ALA A 26 14.48 15.58 9.45
C ALA A 26 15.89 14.95 9.28
N ALA A 27 16.22 14.36 8.13
CA ALA A 27 17.55 13.79 7.83
C ALA A 27 18.67 14.84 7.97
N ILE A 28 18.45 16.08 7.52
CA ILE A 28 19.50 17.16 7.60
C ILE A 28 19.69 17.54 9.07
N ARG A 29 18.57 17.66 9.80
CA ARG A 29 18.54 17.90 11.26
C ARG A 29 19.39 16.84 11.99
N GLU A 30 19.13 15.54 11.73
CA GLU A 30 19.70 14.38 12.48
C GLU A 30 21.18 14.20 12.15
N ALA A 31 21.68 14.89 11.11
CA ALA A 31 23.11 15.03 10.78
C ALA A 31 23.73 16.26 11.48
N GLY A 32 23.03 16.86 12.45
CA GLY A 32 23.60 17.80 13.42
C GLY A 32 23.67 19.23 12.91
N LEU A 33 22.71 19.68 12.11
CA LEU A 33 22.75 21.05 11.53
C LEU A 33 22.79 22.11 12.64
N MET A 34 21.94 22.03 13.65
CA MET A 34 21.76 23.16 14.60
C MET A 34 23.02 23.30 15.46
N LYS A 35 23.62 22.17 15.86
CA LYS A 35 24.93 22.15 16.57
C LYS A 35 26.02 22.85 15.72
N ARG A 36 26.16 22.50 14.45
CA ARG A 36 27.18 23.11 13.57
C ARG A 36 26.97 24.62 13.50
N LEU A 37 25.74 25.06 13.29
CA LEU A 37 25.39 26.51 13.21
C LEU A 37 25.68 27.19 14.53
N SER A 38 25.57 26.48 15.66
CA SER A 38 25.81 27.01 17.02
C SER A 38 27.32 27.19 17.24
N SER A 39 28.14 26.22 16.84
CA SER A 39 29.64 26.30 16.89
C SER A 39 30.16 27.51 16.08
N LEU A 40 29.53 27.87 14.95
CA LEU A 40 29.87 29.07 14.14
C LEU A 40 29.63 30.37 14.94
N GLY A 41 28.76 30.35 15.95
CA GLY A 41 28.45 31.51 16.81
C GLY A 41 27.19 32.24 16.35
N CYS A 42 26.45 31.67 15.39
CA CYS A 42 25.18 32.21 14.85
C CYS A 42 24.14 32.27 15.97
N HIS A 43 23.40 33.38 16.08
CA HIS A 43 22.15 33.42 16.90
C HIS A 43 21.06 32.70 16.11
N LEU A 44 20.44 31.69 16.71
CA LEU A 44 19.61 30.67 16.02
C LEU A 44 18.14 30.80 16.42
N LYS A 45 17.24 30.64 15.45
CA LYS A 45 15.78 30.59 15.66
C LYS A 45 15.24 29.45 14.78
N ASP A 46 14.57 28.49 15.41
CA ASP A 46 14.03 27.28 14.75
C ASP A 46 12.51 27.40 14.68
N PHE A 47 11.94 27.44 13.47
CA PHE A 47 10.48 27.43 13.20
C PHE A 47 9.99 25.98 13.12
N GLY A 48 10.90 25.00 13.18
CA GLY A 48 10.56 23.57 13.06
C GLY A 48 10.17 23.24 11.63
N ASP A 49 9.49 22.12 11.42
CA ASP A 49 9.12 21.59 10.08
C ASP A 49 7.61 21.83 9.89
N LEU A 50 7.22 22.49 8.79
CA LEU A 50 5.82 22.86 8.48
C LEU A 50 5.01 21.62 8.08
N SER A 51 3.71 21.60 8.40
CA SER A 51 2.77 20.58 7.90
C SER A 51 2.57 20.78 6.40
N PHE A 52 2.40 19.66 5.70
CA PHE A 52 2.13 19.61 4.26
C PHE A 52 0.82 18.84 4.13
N THR A 53 -0.29 19.57 3.94
CA THR A 53 -1.66 19.00 3.98
C THR A 53 -2.33 19.29 2.63
N PRO A 54 -2.70 18.23 1.87
CA PRO A 54 -3.50 18.37 0.66
C PRO A 54 -4.86 19.06 0.89
N VAL A 55 -5.14 20.08 0.06
CA VAL A 55 -6.46 20.75 -0.05
C VAL A 55 -6.92 20.54 -1.48
N PRO A 56 -8.21 20.19 -1.75
CA PRO A 56 -9.26 20.20 -0.73
C PRO A 56 -9.56 18.88 0.02
N LYS A 57 -8.77 17.82 -0.22
CA LYS A 57 -9.08 16.43 0.20
C LYS A 57 -7.80 15.78 0.76
N ASP A 58 -7.78 15.54 2.07
CA ASP A 58 -6.62 15.02 2.84
C ASP A 58 -6.82 13.50 3.04
N ASP A 59 -6.74 12.73 1.95
CA ASP A 59 -6.92 11.25 1.96
C ASP A 59 -5.57 10.62 1.59
N LEU A 60 -5.44 9.29 1.68
CA LEU A 60 -4.17 8.60 1.34
C LEU A 60 -3.77 8.92 -0.10
N TYR A 61 -4.68 8.78 -1.07
CA TYR A 61 -4.34 8.99 -2.51
C TYR A 61 -3.72 10.37 -2.70
N ASN A 62 -4.36 11.41 -2.18
CA ASN A 62 -3.98 12.83 -2.39
C ASN A 62 -2.71 13.14 -1.61
N ASN A 63 -2.27 12.23 -0.72
CA ASN A 63 -1.01 12.37 0.06
C ASN A 63 0.15 11.67 -0.67
N LEU A 64 -0.16 10.70 -1.53
CA LEU A 64 0.83 9.89 -2.29
C LEU A 64 1.01 10.41 -3.72
N ILE A 65 -0.03 11.00 -4.31
CA ILE A 65 0.04 11.74 -5.61
C ILE A 65 -0.68 13.08 -5.39
N VAL A 66 0.07 14.15 -5.12
CA VAL A 66 -0.45 15.42 -4.55
C VAL A 66 -0.88 16.35 -5.69
N ASN A 67 -2.12 16.83 -5.64
CA ASN A 67 -2.67 17.84 -6.58
C ASN A 67 -1.84 19.13 -6.44
N PRO A 68 -1.64 19.90 -7.54
CA PRO A 68 -0.85 21.13 -7.52
C PRO A 68 -1.37 22.26 -6.61
N ARG A 69 -2.68 22.39 -6.45
CA ARG A 69 -3.30 23.40 -5.54
C ARG A 69 -2.61 23.28 -4.18
N SER A 70 -2.47 22.05 -3.65
CA SER A 70 -1.79 21.76 -2.35
C SER A 70 -0.37 22.33 -2.33
N VAL A 71 0.36 22.20 -3.45
CA VAL A 71 1.74 22.73 -3.58
C VAL A 71 1.70 24.26 -3.60
N GLY A 72 0.80 24.85 -4.38
CA GLY A 72 0.57 26.31 -4.41
C GLY A 72 0.27 26.87 -3.02
N LEU A 73 -0.69 26.27 -2.30
CA LEU A 73 -1.14 26.78 -0.98
C LEU A 73 -0.03 26.60 0.06
N ALA A 74 0.70 25.47 0.04
CA ALA A 74 1.81 25.20 0.98
C ALA A 74 2.90 26.27 0.78
N ASN A 75 3.21 26.60 -0.47
CA ASN A 75 4.22 27.64 -0.81
C ASN A 75 3.76 29.02 -0.32
N GLN A 76 2.44 29.28 -0.29
CA GLN A 76 1.89 30.57 0.19
C GLN A 76 2.10 30.69 1.70
N GLU A 77 1.90 29.61 2.46
CA GLU A 77 2.15 29.58 3.93
C GLU A 77 3.65 29.78 4.15
N LEU A 78 4.49 29.07 3.39
CA LEU A 78 5.98 29.16 3.46
C LEU A 78 6.47 30.61 3.26
N ALA A 79 6.00 31.30 2.22
CA ALA A 79 6.41 32.67 1.85
C ALA A 79 6.28 33.62 3.06
N GLU A 80 5.15 33.53 3.78
CA GLU A 80 4.84 34.37 4.96
C GLU A 80 5.82 34.06 6.09
N VAL A 81 6.15 32.78 6.32
CA VAL A 81 7.10 32.37 7.38
C VAL A 81 8.49 32.92 7.03
N VAL A 82 8.91 32.88 5.77
CA VAL A 82 10.25 33.37 5.34
C VAL A 82 10.29 34.89 5.54
N SER A 83 9.23 35.60 5.17
CA SER A 83 9.10 37.09 5.31
C SER A 83 9.07 37.50 6.79
N ARG A 84 8.46 36.70 7.66
CA ARG A 84 8.54 36.87 9.13
C ARG A 84 10.01 36.74 9.56
N ALA A 85 10.66 35.60 9.27
CA ALA A 85 12.08 35.31 9.62
C ALA A 85 13.00 36.46 9.18
N VAL A 86 12.79 37.01 7.98
CA VAL A 86 13.62 38.12 7.39
C VAL A 86 13.26 39.48 8.04
N SER A 87 11.99 39.76 8.27
CA SER A 87 11.54 41.02 8.90
C SER A 87 12.07 41.10 10.34
N ASP A 88 12.27 39.92 10.95
CA ASP A 88 12.83 39.73 12.31
C ASP A 88 14.36 39.86 12.27
N GLY A 89 14.96 39.98 11.08
CA GLY A 89 16.40 40.24 10.90
C GLY A 89 17.23 38.97 10.78
N TYR A 90 16.64 37.81 10.43
CA TYR A 90 17.37 36.52 10.24
C TYR A 90 17.61 36.27 8.75
N SER A 91 18.85 35.92 8.39
CA SER A 91 19.13 35.17 7.15
C SER A 91 18.37 33.85 7.25
N CYS A 92 17.56 33.51 6.26
CA CYS A 92 16.56 32.43 6.36
C CYS A 92 17.03 31.19 5.59
N VAL A 93 17.23 30.08 6.30
CA VAL A 93 17.62 28.74 5.74
C VAL A 93 16.36 27.87 5.69
N THR A 94 15.95 27.44 4.49
CA THR A 94 14.81 26.51 4.29
C THR A 94 15.32 25.17 3.80
N LEU A 95 14.99 24.10 4.54
CA LEU A 95 15.40 22.71 4.23
C LEU A 95 14.29 22.02 3.44
N GLY A 96 14.61 21.45 2.28
CA GLY A 96 13.65 20.72 1.44
C GLY A 96 13.64 19.24 1.77
N GLY A 97 12.65 18.52 1.23
CA GLY A 97 11.66 19.06 0.31
C GLY A 97 12.19 19.24 -1.10
N ASP A 98 11.29 19.26 -2.09
CA ASP A 98 11.65 19.41 -3.52
C ASP A 98 11.79 20.90 -3.83
N HIS A 99 12.31 21.20 -5.02
CA HIS A 99 12.74 22.57 -5.42
C HIS A 99 11.53 23.49 -5.65
N SER A 100 10.31 22.96 -5.69
CA SER A 100 9.08 23.79 -5.86
C SER A 100 8.97 24.80 -4.71
N LEU A 101 9.64 24.54 -3.57
CA LEU A 101 9.60 25.38 -2.33
C LEU A 101 10.26 26.74 -2.59
N ALA A 102 11.13 26.82 -3.60
CA ALA A 102 11.75 28.10 -4.04
C ALA A 102 10.67 29.12 -4.36
N ILE A 103 9.47 28.68 -4.78
CA ILE A 103 8.30 29.58 -5.04
C ILE A 103 7.95 30.32 -3.75
N GLY A 104 7.98 29.63 -2.61
CA GLY A 104 7.67 30.21 -1.29
C GLY A 104 8.80 31.09 -0.78
N THR A 105 10.04 30.61 -0.82
CA THR A 105 11.20 31.28 -0.18
C THR A 105 11.54 32.58 -0.93
N ILE A 106 11.65 32.55 -2.26
CA ILE A 106 12.06 33.73 -3.07
C ILE A 106 10.96 34.79 -2.99
N SER A 107 9.69 34.39 -3.06
CA SER A 107 8.52 35.31 -2.98
C SER A 107 8.53 36.01 -1.63
N GLY A 108 8.59 35.23 -0.55
CA GLY A 108 8.72 35.70 0.84
C GLY A 108 9.97 36.52 1.07
N HIS A 109 11.11 36.13 0.48
CA HIS A 109 12.37 36.92 0.58
C HIS A 109 12.18 38.28 -0.11
N ALA A 110 11.58 38.27 -1.30
CA ALA A 110 11.37 39.44 -2.19
C ALA A 110 10.46 40.51 -1.55
N ARG A 111 9.65 40.15 -0.54
CA ARG A 111 8.63 41.08 0.04
C ARG A 111 9.31 42.29 0.69
N HIS A 112 10.32 42.09 1.53
CA HIS A 112 11.05 43.20 2.22
C HIS A 112 12.39 43.48 1.52
N CSO A 113 12.76 42.62 0.58
CA CSO A 113 14.03 42.71 -0.14
CB CSO A 113 14.95 41.60 0.30
SG CSO A 113 15.17 41.45 2.09
C CSO A 113 13.77 42.61 -1.64
O CSO A 113 14.18 41.63 -2.27
OD CSO A 113 16.16 42.68 2.55
H CSO A 113 12.14 41.85 0.33
HA CSO A 113 14.44 43.57 0.06
HB2 CSO A 113 15.82 41.75 -0.10
HB3 CSO A 113 14.60 40.75 -0.04
HD CSO A 113 16.30 42.64 3.43
N PRO A 114 13.04 43.57 -2.25
CA PRO A 114 12.61 43.44 -3.65
C PRO A 114 13.76 43.47 -4.68
N ASP A 115 14.92 43.98 -4.27
CA ASP A 115 16.12 44.11 -5.16
C ASP A 115 16.99 42.85 -5.06
N LEU A 116 16.52 41.76 -4.45
CA LEU A 116 17.36 40.54 -4.24
C LEU A 116 17.79 40.00 -5.59
N CYS A 117 18.88 39.22 -5.61
CA CYS A 117 19.32 38.39 -6.75
C CYS A 117 19.40 36.93 -6.29
N VAL A 118 19.46 36.02 -7.26
CA VAL A 118 19.33 34.55 -7.07
C VAL A 118 20.55 33.88 -7.70
N VAL A 119 21.24 33.04 -6.93
CA VAL A 119 22.27 32.08 -7.42
C VAL A 119 21.67 30.68 -7.32
N TRP A 120 21.35 30.08 -8.47
CA TRP A 120 20.67 28.75 -8.54
C TRP A 120 21.69 27.68 -8.90
N VAL A 121 22.05 26.86 -7.91
CA VAL A 121 23.06 25.79 -8.07
C VAL A 121 22.29 24.47 -8.20
N ASP A 122 22.38 23.82 -9.36
CA ASP A 122 21.45 22.73 -9.74
C ASP A 122 22.00 22.06 -10.99
N ALA A 123 21.70 20.78 -11.21
CA ALA A 123 21.91 20.10 -12.51
C ALA A 123 20.85 20.60 -13.50
N HIS A 124 19.73 21.14 -12.98
CA HIS A 124 18.51 21.52 -13.74
C HIS A 124 18.25 23.03 -13.63
N ALA A 125 17.62 23.61 -14.64
CA ALA A 125 17.21 25.04 -14.71
C ALA A 125 15.88 25.26 -13.98
N ASP A 126 15.08 24.19 -13.84
CA ASP A 126 13.79 24.21 -13.08
C ASP A 126 12.94 25.40 -13.58
N ILE A 127 12.86 25.58 -14.90
CA ILE A 127 12.23 26.76 -15.56
C ILE A 127 11.17 26.31 -16.59
N ASN A 128 10.71 25.06 -16.55
CA ASN A 128 9.60 24.62 -17.44
C ASN A 128 8.35 25.42 -17.04
N THR A 129 7.45 25.69 -18.00
CA THR A 129 6.11 26.27 -17.75
C THR A 129 5.17 25.10 -17.48
N PRO A 130 4.01 25.33 -16.83
CA PRO A 130 2.96 24.30 -16.75
C PRO A 130 2.54 23.71 -18.10
N LEU A 131 2.92 24.35 -19.21
CA LEU A 131 2.55 23.94 -20.59
C LEU A 131 3.68 23.14 -21.24
N THR A 132 4.92 23.26 -20.73
CA THR A 132 6.10 22.59 -21.35
C THR A 132 6.37 21.24 -20.65
N THR A 133 5.80 21.00 -19.47
CA THR A 133 6.01 19.76 -18.66
C THR A 133 4.69 19.40 -17.97
N SER A 134 4.64 18.24 -17.29
CA SER A 134 3.40 17.63 -16.73
C SER A 134 3.02 18.26 -15.37
N SER A 135 1.90 17.78 -14.82
CA SER A 135 1.12 18.40 -13.71
C SER A 135 1.73 18.04 -12.36
N GLY A 136 2.38 16.88 -12.29
CA GLY A 136 3.10 16.36 -11.11
C GLY A 136 4.59 16.67 -11.15
N ASN A 137 4.99 17.66 -11.95
CA ASN A 137 6.41 18.08 -12.09
C ASN A 137 6.56 19.57 -11.79
N LEU A 138 5.88 20.09 -10.75
CA LEU A 138 6.05 21.49 -10.28
C LEU A 138 7.48 21.70 -9.77
N HIS A 139 8.13 20.64 -9.27
CA HIS A 139 9.56 20.67 -8.85
C HIS A 139 10.46 21.14 -10.01
N GLY A 140 10.00 21.05 -11.27
CA GLY A 140 10.77 21.48 -12.46
C GLY A 140 10.23 22.75 -13.10
N GLN A 141 9.45 23.55 -12.35
CA GLN A 141 8.84 24.80 -12.89
C GLN A 141 9.01 26.02 -11.98
N PRO A 142 9.61 25.93 -10.77
CA PRO A 142 9.48 27.04 -9.82
C PRO A 142 9.79 28.39 -10.47
N VAL A 143 10.83 28.44 -11.29
CA VAL A 143 11.42 29.71 -11.82
C VAL A 143 10.45 30.34 -12.82
N SER A 144 9.60 29.56 -13.52
CA SER A 144 8.60 30.11 -14.47
C SER A 144 7.56 30.95 -13.70
N PHE A 145 7.31 30.59 -12.45
CA PHE A 145 6.33 31.29 -11.56
C PHE A 145 6.89 32.64 -11.09
N LEU A 146 8.20 32.73 -10.90
CA LEU A 146 8.89 33.86 -10.23
C LEU A 146 9.42 34.87 -11.25
N LEU A 147 9.78 34.40 -12.45
CA LEU A 147 10.43 35.24 -13.49
C LEU A 147 9.36 36.17 -14.07
N ARG A 148 9.76 37.41 -14.34
CA ARG A 148 8.86 38.55 -14.66
C ARG A 148 8.52 38.52 -16.16
N GLU A 149 9.51 38.22 -16.99
CA GLU A 149 9.40 38.27 -18.47
C GLU A 149 8.52 37.13 -18.99
N LEU A 150 8.20 36.15 -18.14
CA LEU A 150 7.56 34.87 -18.54
C LEU A 150 6.05 34.87 -18.18
N GLN A 151 5.55 35.99 -17.64
CA GLN A 151 4.15 36.15 -17.13
C GLN A 151 3.13 35.67 -18.17
N ASP A 152 3.33 36.06 -19.43
CA ASP A 152 2.38 35.81 -20.55
C ASP A 152 2.50 34.37 -21.06
N LYS A 153 3.52 33.62 -20.64
CA LYS A 153 3.71 32.20 -21.05
C LYS A 153 3.21 31.27 -19.95
N VAL A 154 2.72 31.81 -18.84
CA VAL A 154 2.46 31.05 -17.58
C VAL A 154 0.98 31.17 -17.23
N PRO A 155 0.21 30.06 -17.24
CA PRO A 155 -1.24 30.15 -17.02
C PRO A 155 -1.52 30.29 -15.53
N GLN A 156 -2.73 30.76 -15.18
CA GLN A 156 -3.20 30.94 -13.78
C GLN A 156 -3.81 29.63 -13.27
N LEU A 157 -3.10 28.93 -12.38
CA LEU A 157 -3.55 27.67 -11.74
C LEU A 157 -4.22 28.01 -10.41
N PRO A 158 -5.28 27.26 -10.01
CA PRO A 158 -5.78 27.34 -8.63
C PRO A 158 -4.65 27.07 -7.63
N GLY A 159 -4.49 27.98 -6.66
CA GLY A 159 -3.55 27.87 -5.53
C GLY A 159 -2.29 28.69 -5.74
N PHE A 160 -2.15 29.38 -6.87
CA PHE A 160 -0.90 30.09 -7.28
C PHE A 160 -1.15 31.55 -7.71
N SER A 161 -2.33 32.14 -7.48
CA SER A 161 -2.66 33.53 -7.91
C SER A 161 -2.12 34.54 -6.89
N TRP A 162 -1.85 34.12 -5.66
CA TRP A 162 -1.15 34.93 -4.62
C TRP A 162 0.22 35.44 -5.15
N ILE A 163 0.89 34.67 -6.02
CA ILE A 163 2.31 34.87 -6.44
C ILE A 163 2.46 36.16 -7.25
N LYS A 164 3.43 37.01 -6.86
CA LYS A 164 3.83 38.24 -7.61
C LYS A 164 5.23 38.05 -8.15
N PRO A 165 5.41 37.89 -9.48
CA PRO A 165 6.74 37.71 -10.07
C PRO A 165 7.71 38.82 -9.63
N CYS A 166 8.85 38.40 -9.08
CA CYS A 166 9.73 39.22 -8.21
C CYS A 166 11.18 39.15 -8.69
N ILE A 167 11.48 38.37 -9.73
CA ILE A 167 12.84 38.24 -10.33
C ILE A 167 12.79 38.68 -11.79
N SER A 168 13.76 39.49 -12.20
CA SER A 168 14.05 39.85 -13.61
C SER A 168 15.12 38.91 -14.13
N SER A 169 15.22 38.75 -15.46
CA SER A 169 16.06 37.73 -16.13
C SER A 169 17.56 38.00 -15.91
N ALA A 170 17.95 39.24 -15.61
CA ALA A 170 19.35 39.63 -15.32
C ALA A 170 19.71 39.38 -13.85
N SER A 171 18.75 38.96 -13.01
CA SER A 171 18.90 38.93 -11.52
C SER A 171 18.99 37.50 -11.01
N ILE A 172 18.95 36.51 -11.92
CA ILE A 172 19.23 35.08 -11.60
C ILE A 172 20.41 34.64 -12.45
N VAL A 173 21.33 33.87 -11.85
CA VAL A 173 22.45 33.13 -12.51
C VAL A 173 22.44 31.67 -12.04
N TYR A 174 22.53 30.76 -13.01
CA TYR A 174 22.52 29.29 -12.81
C TYR A 174 23.96 28.77 -12.84
N ILE A 175 24.30 27.89 -11.90
CA ILE A 175 25.59 27.15 -11.85
C ILE A 175 25.32 25.65 -11.68
N GLY A 176 25.80 24.81 -12.60
CA GLY A 176 25.86 23.35 -12.45
C GLY A 176 25.12 22.62 -13.56
N LEU A 177 24.48 23.35 -14.48
CA LEU A 177 23.50 22.82 -15.46
C LEU A 177 24.14 21.69 -16.28
N ARG A 178 23.44 20.55 -16.38
CA ARG A 178 23.85 19.42 -17.27
C ARG A 178 22.64 18.57 -17.69
N ASP A 179 21.40 18.94 -17.33
CA ASP A 179 20.17 18.18 -17.70
C ASP A 179 19.04 19.18 -17.97
N VAL A 180 18.96 19.70 -19.21
CA VAL A 180 18.11 20.86 -19.59
C VAL A 180 17.19 20.45 -20.75
N ASP A 181 15.88 20.37 -20.52
CA ASP A 181 14.85 20.07 -21.55
C ASP A 181 14.95 21.11 -22.65
N PRO A 182 14.60 20.78 -23.91
CA PRO A 182 14.64 21.75 -25.01
C PRO A 182 13.95 23.09 -24.75
N PRO A 183 12.69 23.15 -24.23
CA PRO A 183 12.05 24.43 -23.94
C PRO A 183 12.77 25.27 -22.86
N GLU A 184 13.43 24.59 -21.92
CA GLU A 184 14.27 25.26 -20.89
C GLU A 184 15.47 25.92 -21.55
N HIS A 185 16.08 25.23 -22.51
CA HIS A 185 17.19 25.80 -23.31
C HIS A 185 16.67 27.02 -24.09
N PHE A 186 15.51 26.90 -24.75
CA PHE A 186 14.89 28.04 -25.50
C PHE A 186 14.78 29.26 -24.60
N ILE A 187 14.13 29.11 -23.45
CA ILE A 187 13.87 30.19 -22.45
C ILE A 187 15.20 30.87 -22.08
N LEU A 188 16.21 30.10 -21.72
CA LEU A 188 17.54 30.63 -21.30
C LEU A 188 18.08 31.54 -22.39
N LYS A 189 18.13 31.04 -23.63
CA LYS A 189 18.72 31.76 -24.79
C LYS A 189 17.86 32.96 -25.13
N ASN A 190 16.53 32.76 -25.21
CA ASN A 190 15.54 33.76 -25.69
C ASN A 190 15.49 34.96 -24.74
N TYR A 191 15.49 34.72 -23.41
CA TYR A 191 15.32 35.75 -22.35
C TYR A 191 16.68 36.10 -21.72
N ASP A 192 17.78 35.68 -22.34
CA ASP A 192 19.17 36.08 -22.00
C ASP A 192 19.51 35.76 -20.54
N ILE A 193 19.06 34.63 -20.02
CA ILE A 193 19.37 34.23 -18.61
C ILE A 193 20.79 33.70 -18.61
N GLN A 194 21.68 34.27 -17.79
CA GLN A 194 23.10 33.85 -17.72
C GLN A 194 23.16 32.54 -16.95
N TYR A 195 24.00 31.62 -17.41
CA TYR A 195 24.16 30.27 -16.81
C TYR A 195 25.56 29.74 -17.11
N PHE A 196 26.09 28.98 -16.15
CA PHE A 196 27.37 28.22 -16.26
C PHE A 196 27.05 26.74 -16.13
N SER A 197 27.03 26.06 -17.27
CA SER A 197 26.93 24.58 -17.35
C SER A 197 28.18 23.97 -16.74
N MET A 198 28.22 22.65 -16.61
CA MET A 198 29.42 21.91 -16.15
C MET A 198 30.55 22.10 -17.19
N ARG A 199 30.21 22.26 -18.47
CA ARG A 199 31.21 22.46 -19.55
C ARG A 199 31.90 23.82 -19.35
N ASP A 200 31.11 24.89 -19.19
CA ASP A 200 31.62 26.23 -18.80
C ASP A 200 32.57 26.07 -17.60
N ILE A 201 32.15 25.36 -16.56
CA ILE A 201 32.94 25.15 -15.30
C ILE A 201 34.25 24.43 -15.63
N ASP A 202 34.20 23.38 -16.45
CA ASP A 202 35.40 22.62 -16.93
C ASP A 202 36.38 23.56 -17.65
N ARG A 203 35.85 24.51 -18.43
CA ARG A 203 36.61 25.42 -19.33
C ARG A 203 37.17 26.61 -18.52
N LEU A 204 36.37 27.22 -17.66
CA LEU A 204 36.74 28.45 -16.92
C LEU A 204 37.34 28.11 -15.54
N GLY A 205 36.85 27.04 -14.88
CA GLY A 205 37.14 26.76 -13.46
C GLY A 205 36.21 27.56 -12.54
N ILE A 206 35.87 27.01 -11.36
CA ILE A 206 34.80 27.57 -10.47
C ILE A 206 35.20 28.94 -9.90
N GLN A 207 36.49 29.21 -9.69
CA GLN A 207 37.00 30.51 -9.19
C GLN A 207 36.45 31.62 -10.10
N LYS A 208 36.74 31.53 -11.40
CA LYS A 208 36.31 32.52 -12.42
C LYS A 208 34.78 32.52 -12.51
N VAL A 209 34.13 31.37 -12.38
CA VAL A 209 32.64 31.25 -12.47
C VAL A 209 32.01 32.16 -11.41
N MET A 210 32.51 32.13 -10.18
CA MET A 210 31.97 32.92 -9.05
C MET A 210 32.28 34.40 -9.29
N GLU A 211 33.48 34.72 -9.80
CA GLU A 211 33.89 36.11 -10.15
C GLU A 211 32.92 36.72 -11.17
N ARG A 212 32.46 35.93 -12.16
CA ARG A 212 31.57 36.41 -13.24
C ARG A 212 30.12 36.50 -12.76
N THR A 213 29.69 35.54 -11.94
CA THR A 213 28.33 35.46 -11.33
C THR A 213 28.06 36.74 -10.52
N PHE A 214 29.05 37.20 -9.74
CA PHE A 214 28.95 38.42 -8.90
C PHE A 214 29.02 39.68 -9.78
N ASP A 215 29.83 39.65 -10.84
CA ASP A 215 29.90 40.77 -11.81
C ASP A 215 28.52 41.03 -12.41
N LEU A 216 27.80 39.97 -12.78
CA LEU A 216 26.47 40.05 -13.41
C LEU A 216 25.45 40.57 -12.37
N LEU A 217 25.51 40.07 -11.12
CA LEU A 217 24.47 40.26 -10.08
C LEU A 217 24.75 41.52 -9.23
N ILE A 218 25.98 41.65 -8.70
CA ILE A 218 26.35 42.73 -7.73
C ILE A 218 27.50 43.57 -8.30
N GLY A 219 27.69 43.54 -9.62
CA GLY A 219 28.75 44.30 -10.31
C GLY A 219 28.59 45.81 -10.13
N LYS A 220 27.35 46.29 -10.01
CA LYS A 220 26.98 47.73 -10.06
C LYS A 220 26.61 48.24 -8.67
N ARG A 221 25.88 47.44 -7.88
CA ARG A 221 25.42 47.79 -6.52
C ARG A 221 25.40 46.51 -5.67
N GLN A 222 25.44 46.66 -4.35
CA GLN A 222 25.29 45.56 -3.36
C GLN A 222 23.80 45.20 -3.26
N ARG A 223 23.47 43.92 -3.29
CA ARG A 223 22.07 43.41 -3.27
C ARG A 223 21.97 42.17 -2.40
N PRO A 224 20.82 41.93 -1.75
CA PRO A 224 20.64 40.71 -0.94
C PRO A 224 20.70 39.48 -1.86
N ILE A 225 21.38 38.42 -1.40
CA ILE A 225 21.60 37.19 -2.20
C ILE A 225 20.69 36.10 -1.64
N HIS A 226 20.00 35.41 -2.55
CA HIS A 226 19.25 34.17 -2.29
C HIS A 226 20.02 33.03 -2.95
N LEU A 227 20.56 32.12 -2.15
CA LEU A 227 21.20 30.88 -2.66
C LEU A 227 20.15 29.76 -2.68
N SER A 228 19.73 29.31 -3.86
CA SER A 228 18.86 28.13 -4.05
C SER A 228 19.73 26.95 -4.50
N PHE A 229 20.08 26.05 -3.58
CA PHE A 229 21.10 25.00 -3.77
C PHE A 229 20.41 23.65 -3.79
N ASP A 230 20.31 23.04 -4.98
CA ASP A 230 19.83 21.66 -5.21
C ASP A 230 20.99 20.69 -4.93
N ILE A 231 20.80 19.73 -4.03
CA ILE A 231 21.86 18.74 -3.67
C ILE A 231 22.28 17.97 -4.94
N ASP A 232 21.40 17.85 -5.93
CA ASP A 232 21.63 17.09 -7.20
C ASP A 232 22.61 17.85 -8.10
N ALA A 233 23.03 19.05 -7.71
CA ALA A 233 24.12 19.82 -8.37
C ALA A 233 25.44 19.05 -8.22
N PHE A 234 25.67 18.44 -7.06
CA PHE A 234 26.83 17.56 -6.77
C PHE A 234 26.70 16.26 -7.58
N ASP A 235 27.85 15.72 -7.96
CA ASP A 235 27.94 14.41 -8.66
C ASP A 235 27.18 13.38 -7.84
N PRO A 236 26.43 12.46 -8.49
CA PRO A 236 25.66 11.42 -7.80
C PRO A 236 26.47 10.53 -6.84
N THR A 237 27.79 10.37 -7.07
CA THR A 237 28.68 9.62 -6.12
C THR A 237 28.84 10.37 -4.79
N LEU A 238 28.66 11.70 -4.75
CA LEU A 238 28.82 12.54 -3.52
C LEU A 238 27.46 12.72 -2.82
N ALA A 239 26.40 12.89 -3.61
CA ALA A 239 25.02 13.07 -3.14
C ALA A 239 24.09 12.12 -3.90
N PRO A 240 24.06 10.82 -3.55
CA PRO A 240 23.17 9.85 -4.21
C PRO A 240 21.71 9.80 -3.74
N ALA A 241 21.43 10.28 -2.52
CA ALA A 241 20.06 10.33 -1.94
C ALA A 241 19.36 11.56 -2.52
N THR A 242 19.05 11.49 -3.81
CA THR A 242 18.37 12.56 -4.58
C THR A 242 17.53 11.88 -5.67
N GLY A 243 16.54 12.59 -6.22
CA GLY A 243 15.47 12.05 -7.07
C GLY A 243 15.81 12.09 -8.56
N THR A 244 16.64 13.02 -9.01
CA THR A 244 17.10 13.09 -10.43
C THR A 244 18.62 13.13 -10.46
N PRO A 245 19.32 12.00 -10.21
CA PRO A 245 20.78 11.99 -10.20
C PRO A 245 21.29 12.10 -11.63
N VAL A 246 22.20 13.04 -11.90
CA VAL A 246 22.87 13.22 -13.23
C VAL A 246 24.39 13.11 -13.02
N VAL A 247 25.04 12.18 -13.71
CA VAL A 247 26.52 11.95 -13.67
C VAL A 247 27.24 13.20 -14.19
N GLY A 248 28.40 13.51 -13.62
CA GLY A 248 29.28 14.62 -14.03
C GLY A 248 28.96 15.93 -13.32
N GLY A 249 28.79 15.91 -12.00
CA GLY A 249 28.37 17.10 -11.22
C GLY A 249 29.52 17.77 -10.51
N LEU A 250 29.21 18.70 -9.62
CA LEU A 250 30.23 19.42 -8.80
C LEU A 250 30.96 18.39 -7.95
N THR A 251 32.26 18.55 -7.75
CA THR A 251 33.01 17.85 -6.68
C THR A 251 32.68 18.55 -5.35
N TYR A 252 33.02 17.90 -4.23
CA TYR A 252 32.88 18.45 -2.86
C TYR A 252 33.53 19.85 -2.81
N ARG A 253 34.72 19.97 -3.39
CA ARG A 253 35.55 21.19 -3.23
C ARG A 253 34.95 22.35 -4.04
N GLU A 254 34.51 22.09 -5.28
CA GLU A 254 33.81 23.13 -6.09
C GLU A 254 32.61 23.64 -5.29
N GLY A 255 31.85 22.74 -4.66
CA GLY A 255 30.62 23.06 -3.91
C GLY A 255 30.87 23.87 -2.65
N MET A 256 31.93 23.56 -1.92
CA MET A 256 32.37 24.33 -0.73
C MET A 256 32.86 25.71 -1.18
N TYR A 257 33.60 25.79 -2.28
CA TYR A 257 34.13 27.05 -2.88
C TYR A 257 32.98 27.99 -3.22
N ILE A 258 31.97 27.52 -3.92
CA ILE A 258 30.72 28.31 -4.18
C ILE A 258 30.28 28.92 -2.84
N ALA A 259 30.12 28.06 -1.83
CA ALA A 259 29.54 28.41 -0.52
C ALA A 259 30.44 29.41 0.19
N GLU A 260 31.77 29.27 0.06
CA GLU A 260 32.76 30.20 0.69
C GLU A 260 32.66 31.57 0.01
N GLU A 261 32.56 31.62 -1.32
CA GLU A 261 32.48 32.89 -2.10
C GLU A 261 31.20 33.64 -1.72
N ILE A 262 30.06 32.95 -1.73
CA ILE A 262 28.74 33.49 -1.26
C ILE A 262 28.93 34.08 0.15
N HIS A 263 29.49 33.33 1.10
CA HIS A 263 29.75 33.86 2.47
C HIS A 263 30.58 35.14 2.38
N ASN A 264 31.72 35.11 1.68
CA ASN A 264 32.72 36.21 1.61
C ASN A 264 32.07 37.53 1.13
N THR A 265 30.91 37.51 0.47
CA THR A 265 30.22 38.76 0.02
C THR A 265 29.66 39.54 1.22
N GLY A 266 29.11 38.84 2.23
CA GLY A 266 28.42 39.44 3.39
C GLY A 266 26.97 39.78 3.10
N LEU A 267 26.43 39.33 1.97
CA LEU A 267 25.09 39.69 1.43
C LEU A 267 24.13 38.49 1.42
N LEU A 268 24.50 37.32 1.95
CA LEU A 268 23.59 36.14 1.96
C LEU A 268 22.47 36.41 2.99
N SER A 269 21.24 36.54 2.48
CA SER A 269 20.00 36.86 3.24
C SER A 269 19.07 35.61 3.30
N ALA A 270 19.15 34.70 2.34
CA ALA A 270 18.28 33.49 2.30
C ALA A 270 19.00 32.33 1.64
N LEU A 271 18.74 31.10 2.07
CA LEU A 271 19.36 29.87 1.51
C LEU A 271 18.35 28.71 1.49
N ASP A 272 18.16 28.09 0.33
CA ASP A 272 17.40 26.83 0.20
C ASP A 272 18.42 25.69 0.09
N LEU A 273 18.22 24.60 0.82
CA LEU A 273 18.89 23.33 0.44
C LEU A 273 17.86 22.25 0.15
N VAL A 274 17.74 21.83 -1.11
CA VAL A 274 16.60 21.00 -1.60
C VAL A 274 17.08 19.66 -2.17
N GLU A 275 16.11 18.74 -2.24
CA GLU A 275 16.10 17.50 -3.06
C GLU A 275 16.88 16.40 -2.35
N VAL A 276 17.07 16.51 -1.04
CA VAL A 276 17.58 15.37 -0.23
C VAL A 276 16.44 14.39 0.02
N ASN A 277 16.52 13.20 -0.59
CA ASN A 277 15.49 12.14 -0.54
C ASN A 277 16.14 10.88 0.03
N PRO A 278 16.11 10.66 1.36
CA PRO A 278 16.78 9.53 1.97
C PRO A 278 16.23 8.14 1.59
N GLN A 279 14.99 8.03 1.11
CA GLN A 279 14.38 6.72 0.79
C GLN A 279 14.97 6.17 -0.52
N LEU A 280 15.56 7.01 -1.38
CA LEU A 280 16.16 6.57 -2.67
C LEU A 280 17.61 6.09 -2.47
N ALA A 281 18.20 6.37 -1.31
CA ALA A 281 19.47 5.77 -0.83
C ALA A 281 19.36 4.24 -0.77
N THR A 282 20.41 3.51 -1.19
CA THR A 282 20.50 2.02 -1.20
C THR A 282 20.89 1.47 0.18
N SER A 283 21.33 2.36 1.08
CA SER A 283 21.98 2.05 2.37
C SER A 283 21.87 3.26 3.30
N GLU A 284 21.95 3.05 4.61
CA GLU A 284 22.06 4.14 5.62
C GLU A 284 23.20 5.09 5.20
N GLU A 285 24.34 4.53 4.78
CA GLU A 285 25.60 5.26 4.48
C GLU A 285 25.38 6.26 3.34
N GLU A 286 24.62 5.89 2.30
CA GLU A 286 24.27 6.81 1.19
C GLU A 286 23.40 7.94 1.76
N ALA A 287 22.45 7.59 2.63
CA ALA A 287 21.50 8.54 3.26
C ALA A 287 22.28 9.58 4.09
N LYS A 288 23.19 9.12 4.95
CA LYS A 288 23.99 9.95 5.87
C LYS A 288 25.01 10.80 5.09
N THR A 289 25.65 10.25 4.07
CA THR A 289 26.64 11.00 3.23
C THR A 289 25.92 12.20 2.61
N THR A 290 24.73 11.99 2.04
CA THR A 290 23.97 13.03 1.31
C THR A 290 23.57 14.11 2.31
N ALA A 291 23.15 13.69 3.50
CA ALA A 291 22.71 14.56 4.63
C ALA A 291 23.90 15.29 5.25
N ASN A 292 25.08 14.67 5.36
CA ASN A 292 26.29 15.35 5.90
C ASN A 292 26.72 16.47 4.93
N LEU A 293 26.70 16.18 3.63
CA LEU A 293 27.10 17.11 2.54
C LEU A 293 26.20 18.35 2.53
N ALA A 294 24.87 18.16 2.66
CA ALA A 294 23.89 19.27 2.80
C ALA A 294 24.27 20.17 3.99
N VAL A 295 24.55 19.57 5.15
CA VAL A 295 24.98 20.33 6.36
C VAL A 295 26.26 21.14 6.06
N ASP A 296 27.21 20.56 5.33
CA ASP A 296 28.49 21.22 5.00
C ASP A 296 28.21 22.46 4.14
N VAL A 297 27.32 22.37 3.17
CA VAL A 297 26.99 23.54 2.31
C VAL A 297 26.43 24.67 3.19
N ILE A 298 25.48 24.39 4.09
CA ILE A 298 24.81 25.44 4.92
C ILE A 298 25.86 26.06 5.85
N ALA A 299 26.60 25.24 6.61
CA ALA A 299 27.69 25.71 7.50
C ALA A 299 28.64 26.59 6.68
N SER A 300 29.15 26.09 5.55
CA SER A 300 30.14 26.82 4.71
C SER A 300 29.54 28.14 4.21
N SER A 301 28.23 28.18 3.93
CA SER A 301 27.52 29.38 3.41
C SER A 301 27.47 30.48 4.48
N PHE A 302 27.65 30.12 5.76
CA PHE A 302 27.55 31.02 6.93
C PHE A 302 28.88 31.15 7.68
N GLY A 303 29.96 30.63 7.11
CA GLY A 303 31.33 31.06 7.45
C GLY A 303 32.22 29.97 8.00
N GLN A 304 31.86 28.69 7.86
CA GLN A 304 32.81 27.58 8.12
C GLN A 304 33.94 27.68 7.09
N THR A 305 35.19 27.63 7.56
CA THR A 305 36.40 27.68 6.68
C THR A 305 37.01 26.29 6.62
N ARG A 306 37.92 26.04 5.68
CA ARG A 306 38.64 24.75 5.61
C ARG A 306 39.93 24.88 6.43
N GLU A 307 40.54 26.08 6.46
CA GLU A 307 41.84 26.36 7.14
C GLU A 307 41.65 26.79 8.60
N GLY A 308 40.43 26.72 9.16
CA GLY A 308 40.15 27.23 10.51
C GLY A 308 40.17 28.75 10.58
N GLY A 309 40.23 29.34 11.77
CA GLY A 309 40.36 30.79 11.99
C GLY A 309 39.04 31.55 12.16
N HIS A 310 37.89 30.89 11.94
CA HIS A 310 36.55 31.53 12.08
C HIS A 310 36.41 32.12 13.48
N ILE A 311 36.50 31.28 14.51
CA ILE A 311 36.37 31.70 15.94
C ILE A 311 37.70 32.33 16.33
N VAL A 312 37.68 33.35 17.19
CA VAL A 312 38.88 34.13 17.59
C VAL A 312 39.61 33.37 18.71
N TYR A 313 40.93 33.17 18.54
CA TYR A 313 41.85 32.61 19.56
C TYR A 313 42.82 33.72 19.94
N ASP A 314 43.08 33.88 21.24
CA ASP A 314 43.77 35.05 21.86
C ASP A 314 45.26 34.75 22.03
N GLN A 315 45.61 33.88 22.98
CA GLN A 315 47.00 33.49 23.35
C GLN A 315 47.07 31.97 23.56
N LEU A 316 48.29 31.42 23.63
CA LEU A 316 48.56 29.99 23.94
C LEU A 316 48.81 29.85 25.44
N PRO A 317 48.31 28.79 26.11
CA PRO A 317 48.75 28.46 27.46
C PRO A 317 50.28 28.34 27.55
N THR A 318 50.86 28.70 28.69
CA THR A 318 52.30 28.54 29.03
C THR A 318 52.48 27.28 29.87
N PRO A 319 53.62 26.56 29.76
CA PRO A 319 53.92 25.42 30.64
C PRO A 319 53.31 25.46 32.04
N SER A 320 53.82 26.34 32.91
CA SER A 320 53.39 26.51 34.33
C SER A 320 53.97 27.82 34.89
N GLU B 5 16.76 -9.95 -0.09
CA GLU B 5 17.51 -8.71 0.28
C GLU B 5 16.54 -7.66 0.84
N VAL B 6 15.30 -8.06 1.18
CA VAL B 6 14.18 -7.17 1.59
C VAL B 6 12.98 -8.06 1.95
N GLN B 7 12.53 -8.02 3.21
CA GLN B 7 11.33 -8.79 3.63
C GLN B 7 10.66 -8.15 4.86
N LEU B 8 9.44 -8.60 5.15
CA LEU B 8 8.56 -8.13 6.24
C LEU B 8 8.07 -9.37 7.00
N LEU B 9 8.07 -9.35 8.34
CA LEU B 9 7.61 -10.47 9.18
C LEU B 9 6.66 -9.95 10.27
N GLU B 10 5.39 -10.41 10.25
CA GLU B 10 4.38 -10.01 11.25
C GLU B 10 4.40 -11.04 12.40
N SER B 11 3.97 -10.60 13.58
CA SER B 11 3.76 -11.44 14.80
C SER B 11 2.71 -10.78 15.68
N GLY B 12 2.27 -11.48 16.74
CA GLY B 12 1.36 -10.93 17.77
C GLY B 12 -0.07 -11.44 17.61
N GLY B 13 -0.42 -11.97 16.44
CA GLY B 13 -1.74 -12.55 16.14
C GLY B 13 -2.02 -13.79 16.98
N GLY B 14 -3.27 -14.24 16.99
CA GLY B 14 -3.76 -15.33 17.85
C GLY B 14 -5.24 -15.20 18.18
N LEU B 15 -5.64 -15.69 19.36
CA LEU B 15 -7.06 -15.81 19.80
C LEU B 15 -7.35 -14.72 20.85
N VAL B 16 -8.43 -13.96 20.66
CA VAL B 16 -8.90 -12.90 21.60
C VAL B 16 -10.44 -12.94 21.62
N GLN B 17 -11.04 -12.47 22.73
CA GLN B 17 -12.51 -12.44 22.95
C GLN B 17 -13.11 -11.24 22.24
N PRO B 18 -14.40 -11.31 21.82
CA PRO B 18 -15.14 -10.12 21.42
C PRO B 18 -15.02 -8.99 22.44
N GLY B 19 -14.90 -7.74 21.97
CA GLY B 19 -14.70 -6.55 22.81
C GLY B 19 -13.25 -6.44 23.29
N GLY B 20 -12.38 -7.36 22.86
CA GLY B 20 -10.98 -7.44 23.29
C GLY B 20 -10.05 -6.51 22.52
N SER B 21 -8.82 -6.40 23.00
CA SER B 21 -7.69 -5.63 22.41
C SER B 21 -6.60 -6.60 21.92
N LEU B 22 -5.79 -6.19 20.95
CA LEU B 22 -4.63 -6.96 20.43
C LEU B 22 -3.75 -6.06 19.58
N ARG B 23 -2.42 -6.21 19.71
CA ARG B 23 -1.40 -5.42 18.99
C ARG B 23 -0.55 -6.35 18.11
N LEU B 24 -0.59 -6.16 16.79
CA LEU B 24 0.27 -6.85 15.78
C LEU B 24 1.54 -6.03 15.55
N SER B 25 2.64 -6.72 15.22
CA SER B 25 3.94 -6.15 14.80
C SER B 25 4.23 -6.55 13.35
N CYS B 26 5.19 -5.86 12.74
CA CYS B 26 5.71 -6.13 11.38
C CYS B 26 7.13 -5.55 11.27
N ALA B 27 8.14 -6.35 11.58
CA ALA B 27 9.59 -6.00 11.44
C ALA B 27 9.99 -6.04 9.96
N ALA B 28 10.55 -4.94 9.46
CA ALA B 28 11.24 -4.87 8.15
C ALA B 28 12.71 -5.27 8.32
N SER B 29 13.32 -5.87 7.30
CA SER B 29 14.78 -6.10 7.16
C SER B 29 15.19 -5.88 5.70
N GLY B 30 16.39 -5.32 5.50
CA GLY B 30 17.00 -5.09 4.18
C GLY B 30 16.64 -3.75 3.57
N PHE B 31 15.72 -3.01 4.19
CA PHE B 31 15.41 -1.59 3.83
C PHE B 31 14.98 -0.85 5.10
N THR B 32 15.08 0.49 5.08
CA THR B 32 14.63 1.40 6.15
C THR B 32 13.15 1.74 5.91
N PHE B 33 12.27 1.08 6.66
CA PHE B 33 10.80 1.25 6.62
C PHE B 33 10.43 2.72 6.85
N ARG B 34 11.19 3.39 7.74
CA ARG B 34 10.95 4.78 8.21
C ARG B 34 10.61 5.74 7.06
N TYR B 35 11.33 5.67 5.92
CA TYR B 35 11.22 6.62 4.79
C TYR B 35 10.19 6.13 3.76
N GLU B 36 9.56 5.01 4.09
CA GLU B 36 8.60 4.28 3.22
C GLU B 36 7.18 4.50 3.77
N VAL B 37 6.17 4.48 2.90
CA VAL B 37 4.73 4.43 3.30
C VAL B 37 4.35 2.97 3.50
N ALA B 38 3.81 2.64 4.68
CA ALA B 38 3.49 1.27 5.12
C ALA B 38 1.97 1.12 5.30
N ALA B 39 1.45 -0.10 5.18
CA ALA B 39 0.00 -0.39 5.16
C ALA B 39 -0.30 -1.75 5.80
N TRP B 40 -1.51 -1.90 6.35
CA TRP B 40 -2.11 -3.19 6.78
C TRP B 40 -3.29 -3.54 5.86
N VAL B 41 -3.33 -4.79 5.39
CA VAL B 41 -4.43 -5.37 4.57
C VAL B 41 -4.81 -6.71 5.19
N ARG B 42 -6.08 -7.11 5.12
CA ARG B 42 -6.54 -8.36 5.79
C ARG B 42 -7.44 -9.20 4.88
N GLN B 43 -7.48 -10.50 5.17
CA GLN B 43 -8.17 -11.55 4.38
C GLN B 43 -8.99 -12.43 5.32
N ALA B 44 -10.30 -12.22 5.39
CA ALA B 44 -11.28 -13.13 6.04
C ALA B 44 -11.24 -14.48 5.31
N PRO B 45 -11.10 -15.62 6.03
CA PRO B 45 -10.78 -16.90 5.39
C PRO B 45 -11.65 -17.24 4.16
N GLY B 46 -10.99 -17.59 3.05
CA GLY B 46 -11.62 -17.97 1.78
C GLY B 46 -12.26 -16.79 1.06
N LYS B 47 -11.80 -15.56 1.34
CA LYS B 47 -12.40 -14.31 0.77
C LYS B 47 -11.27 -13.39 0.25
N GLY B 48 -11.65 -12.20 -0.24
CA GLY B 48 -10.76 -11.21 -0.85
C GLY B 48 -9.80 -10.57 0.15
N LEU B 49 -9.25 -9.42 -0.24
CA LEU B 49 -8.35 -8.60 0.61
C LEU B 49 -9.10 -7.30 0.95
N GLU B 50 -9.09 -6.91 2.22
CA GLU B 50 -9.58 -5.58 2.68
C GLU B 50 -8.37 -4.76 3.15
N TRP B 51 -8.23 -3.54 2.62
CA TRP B 51 -7.27 -2.53 3.15
C TRP B 51 -7.80 -2.05 4.50
N VAL B 52 -6.91 -1.97 5.50
CA VAL B 52 -7.24 -1.56 6.90
C VAL B 52 -6.64 -0.18 7.19
N SER B 53 -5.31 -0.06 7.24
CA SER B 53 -4.57 1.15 7.69
C SER B 53 -3.33 1.43 6.82
N ALA B 54 -2.88 2.69 6.85
CA ALA B 54 -1.65 3.19 6.18
C ALA B 54 -1.06 4.36 6.99
N ILE B 55 0.27 4.44 7.04
CA ILE B 55 1.07 5.45 7.79
C ILE B 55 2.10 6.05 6.83
N SER B 56 2.04 7.38 6.60
CA SER B 56 2.90 8.08 5.62
C SER B 56 3.49 9.37 6.19
N GLY B 57 4.51 9.88 5.49
CA GLY B 57 5.15 11.19 5.70
C GLY B 57 5.97 11.21 6.98
N PRO B 58 6.58 12.37 7.34
CA PRO B 58 7.49 12.46 8.48
C PRO B 58 6.87 12.80 9.86
N ILE B 59 5.59 13.12 9.92
CA ILE B 59 4.93 13.56 11.19
C ILE B 59 4.93 12.42 12.22
N PRO B 60 4.43 11.20 11.94
CA PRO B 60 3.69 10.84 10.72
C PRO B 60 2.17 10.97 10.84
N LYS B 61 1.46 10.62 9.77
CA LYS B 61 -0.02 10.62 9.64
C LYS B 61 -0.51 9.20 9.37
N GLY B 62 -1.68 8.84 9.94
CA GLY B 62 -2.35 7.55 9.78
C GLY B 62 -3.64 7.69 9.00
N TYR B 63 -3.93 6.77 8.07
CA TYR B 63 -5.19 6.67 7.29
C TYR B 63 -5.83 5.31 7.58
N TYR B 64 -7.17 5.27 7.69
CA TYR B 64 -7.97 4.07 8.08
C TYR B 64 -9.19 3.91 7.17
N ALA B 65 -9.59 2.65 6.94
CA ALA B 65 -10.92 2.28 6.40
C ALA B 65 -11.98 2.61 7.45
N ASP B 66 -13.18 2.97 7.01
CA ASP B 66 -14.30 3.36 7.91
C ASP B 66 -14.71 2.16 8.77
N SER B 67 -14.47 0.93 8.29
CA SER B 67 -14.78 -0.32 9.04
C SER B 67 -13.85 -0.50 10.25
N VAL B 68 -12.89 0.40 10.48
CA VAL B 68 -11.93 0.30 11.63
C VAL B 68 -11.67 1.66 12.29
N LYS B 69 -11.94 2.79 11.63
CA LYS B 69 -11.59 4.13 12.17
C LYS B 69 -12.16 4.26 13.58
N GLY B 70 -11.35 4.73 14.55
CA GLY B 70 -11.72 4.93 15.96
C GLY B 70 -11.57 3.67 16.81
N ARG B 71 -11.14 2.56 16.23
CA ARG B 71 -10.91 1.28 16.96
C ARG B 71 -9.44 0.86 16.81
N PHE B 72 -8.85 1.08 15.64
CA PHE B 72 -7.47 0.66 15.25
C PHE B 72 -6.58 1.90 15.21
N THR B 73 -5.33 1.74 15.65
CA THR B 73 -4.26 2.78 15.62
C THR B 73 -3.00 2.16 15.04
N ILE B 74 -2.54 2.70 13.90
CA ILE B 74 -1.25 2.36 13.24
C ILE B 74 -0.14 3.25 13.79
N SER B 75 1.05 2.70 13.98
CA SER B 75 2.28 3.40 14.43
C SER B 75 3.53 2.68 13.92
N ARG B 76 4.70 3.28 14.14
CA ARG B 76 6.01 2.63 13.87
C ARG B 76 7.06 3.08 14.90
N ASP B 77 7.98 2.17 15.22
CA ASP B 77 9.21 2.42 16.01
C ASP B 77 10.39 2.41 15.04
N ASN B 78 10.88 3.59 14.63
CA ASN B 78 12.03 3.74 13.71
C ASN B 78 13.28 2.98 14.25
N SER B 79 13.41 2.79 15.57
CA SER B 79 14.60 2.14 16.21
C SER B 79 14.60 0.63 15.95
N LYS B 80 13.43 0.00 16.07
CA LYS B 80 13.25 -1.46 15.89
C LYS B 80 12.90 -1.75 14.42
N ASN B 81 12.87 -0.71 13.58
CA ASN B 81 12.48 -0.78 12.14
C ASN B 81 11.21 -1.62 12.01
N THR B 82 10.23 -1.39 12.89
CA THR B 82 9.00 -2.22 13.02
C THR B 82 7.73 -1.37 12.87
N LEU B 83 6.71 -1.94 12.25
CA LEU B 83 5.36 -1.31 12.06
C LEU B 83 4.37 -2.02 12.99
N TYR B 84 3.44 -1.26 13.57
CA TYR B 84 2.43 -1.76 14.55
C TYR B 84 1.01 -1.45 14.04
N LEU B 85 0.07 -2.30 14.48
CA LEU B 85 -1.38 -2.04 14.43
C LEU B 85 -1.98 -2.38 15.79
N GLN B 86 -2.52 -1.38 16.49
CA GLN B 86 -3.24 -1.56 17.77
C GLN B 86 -4.72 -1.72 17.43
N MET B 87 -5.35 -2.80 17.89
CA MET B 87 -6.75 -3.16 17.55
C MET B 87 -7.58 -3.23 18.83
N ASN B 88 -8.51 -2.28 19.00
CA ASN B 88 -9.40 -2.15 20.18
C ASN B 88 -10.84 -2.52 19.80
N SER B 89 -11.65 -2.88 20.80
CA SER B 89 -13.11 -3.15 20.69
C SER B 89 -13.35 -4.11 19.52
N LEU B 90 -12.64 -5.25 19.52
CA LEU B 90 -12.59 -6.20 18.38
C LEU B 90 -13.93 -6.91 18.25
N ARG B 91 -14.30 -7.27 17.02
CA ARG B 91 -15.59 -7.91 16.63
C ARG B 91 -15.30 -9.24 15.94
N ALA B 92 -16.27 -10.16 15.92
CA ALA B 92 -16.17 -11.46 15.21
C ALA B 92 -15.77 -11.20 13.76
N GLU B 93 -16.34 -10.15 13.14
CA GLU B 93 -16.13 -9.81 11.71
C GLU B 93 -14.68 -9.32 11.46
N ASP B 94 -13.93 -8.99 12.52
CA ASP B 94 -12.49 -8.59 12.44
C ASP B 94 -11.59 -9.82 12.30
N THR B 95 -12.17 -11.02 12.43
CA THR B 95 -11.49 -12.33 12.20
C THR B 95 -10.96 -12.35 10.76
N ALA B 96 -9.65 -12.57 10.59
CA ALA B 96 -8.94 -12.49 9.29
C ALA B 96 -7.44 -12.70 9.50
N VAL B 97 -6.73 -13.13 8.45
CA VAL B 97 -5.24 -13.03 8.38
C VAL B 97 -4.90 -11.56 8.05
N TYR B 98 -3.87 -11.02 8.69
CA TYR B 98 -3.44 -9.61 8.60
C TYR B 98 -2.03 -9.57 7.99
N TYR B 99 -1.92 -8.91 6.83
CA TYR B 99 -0.64 -8.64 6.14
C TYR B 99 -0.26 -7.17 6.37
N CYS B 100 1.04 -6.91 6.64
CA CYS B 100 1.66 -5.58 6.48
C CYS B 100 2.32 -5.51 5.09
N ALA B 101 2.19 -4.38 4.40
CA ALA B 101 2.75 -4.16 3.05
C ALA B 101 3.41 -2.78 2.96
N ARG B 102 4.36 -2.66 2.02
CA ARG B 102 5.02 -1.41 1.60
C ARG B 102 4.18 -0.80 0.47
N LEU B 103 3.71 0.44 0.65
CA LEU B 103 2.89 1.15 -0.37
C LEU B 103 3.78 2.21 -1.03
N ARG B 104 3.84 2.19 -2.36
CA ARG B 104 4.56 3.18 -3.20
C ARG B 104 3.62 3.72 -4.27
N ALA B 105 4.03 4.83 -4.89
CA ALA B 105 3.33 5.57 -5.95
C ALA B 105 4.27 5.80 -7.14
N ASP B 106 3.77 5.71 -8.36
CA ASP B 106 4.43 6.23 -9.60
C ASP B 106 3.37 7.07 -10.33
N LEU B 107 2.72 6.54 -11.35
CA LEU B 107 1.47 7.11 -11.94
C LEU B 107 0.28 6.91 -10.99
N GLY B 108 0.28 5.80 -10.25
CA GLY B 108 -0.81 5.36 -9.36
C GLY B 108 -0.21 4.66 -8.17
N LEU B 109 -1.04 4.05 -7.30
CA LEU B 109 -0.60 3.42 -6.02
C LEU B 109 -0.39 1.90 -6.23
N TYR B 110 0.50 1.29 -5.45
CA TYR B 110 0.77 -0.18 -5.55
C TYR B 110 1.50 -0.63 -4.29
N MET B 111 1.34 -1.92 -3.94
CA MET B 111 1.95 -2.56 -2.74
C MET B 111 2.97 -3.60 -3.24
N ASP B 112 4.27 -3.26 -3.19
CA ASP B 112 5.36 -3.97 -3.93
C ASP B 112 6.07 -4.96 -3.01
N LEU B 113 5.71 -5.03 -1.73
CA LEU B 113 6.31 -5.98 -0.76
C LEU B 113 5.29 -6.32 0.32
N TRP B 114 5.03 -7.62 0.51
CA TRP B 114 4.07 -8.17 1.49
C TRP B 114 4.83 -9.03 2.50
N GLY B 115 4.31 -9.12 3.73
CA GLY B 115 4.86 -10.00 4.77
C GLY B 115 4.25 -11.38 4.67
N ARG B 116 4.59 -12.29 5.58
CA ARG B 116 4.15 -13.71 5.59
C ARG B 116 2.64 -13.80 5.90
N GLY B 117 2.10 -12.86 6.69
CA GLY B 117 0.71 -12.89 7.18
C GLY B 117 0.64 -13.45 8.58
N THR B 118 -0.48 -13.22 9.30
CA THR B 118 -0.72 -13.75 10.68
C THR B 118 -2.23 -13.82 10.96
N LEU B 119 -2.67 -14.92 11.58
CA LEU B 119 -4.10 -15.22 11.87
C LEU B 119 -4.54 -14.44 13.11
N VAL B 120 -5.70 -13.79 13.03
CA VAL B 120 -6.40 -13.16 14.20
C VAL B 120 -7.80 -13.73 14.26
N THR B 121 -8.14 -14.35 15.39
CA THR B 121 -9.38 -15.13 15.63
C THR B 121 -10.15 -14.47 16.78
N VAL B 122 -11.33 -13.91 16.49
CA VAL B 122 -12.19 -13.17 17.47
C VAL B 122 -13.49 -13.96 17.65
N SER B 123 -13.61 -14.73 18.74
CA SER B 123 -14.78 -15.58 19.09
C SER B 123 -14.85 -15.83 20.61
N SER B 124 -16.02 -16.30 21.06
CA SER B 124 -16.33 -16.65 22.48
C SER B 124 -16.25 -18.17 22.69
N ALA B 125 -16.25 -18.94 21.60
CA ALA B 125 -16.40 -20.41 21.62
C ALA B 125 -15.55 -21.03 22.74
N SER B 126 -16.21 -21.67 23.71
CA SER B 126 -15.62 -22.52 24.78
C SER B 126 -15.59 -23.97 24.27
N THR B 127 -14.80 -24.85 24.91
CA THR B 127 -14.64 -26.27 24.51
C THR B 127 -15.98 -27.01 24.61
N LYS B 128 -16.85 -26.84 23.60
CA LYS B 128 -18.26 -27.35 23.59
C LYS B 128 -18.35 -28.68 22.86
N GLY B 129 -19.28 -29.55 23.29
CA GLY B 129 -19.54 -30.87 22.69
C GLY B 129 -20.62 -30.81 21.61
N PRO B 130 -20.59 -31.71 20.61
CA PRO B 130 -21.51 -31.62 19.47
C PRO B 130 -22.91 -32.21 19.73
N SER B 131 -23.89 -31.80 18.91
CA SER B 131 -25.19 -32.45 18.75
C SER B 131 -25.15 -33.29 17.46
N VAL B 132 -25.41 -34.60 17.55
CA VAL B 132 -25.37 -35.52 16.39
C VAL B 132 -26.81 -35.81 15.94
N PHE B 133 -27.09 -35.68 14.64
CA PHE B 133 -28.42 -35.92 14.04
C PHE B 133 -28.28 -36.91 12.89
N PRO B 134 -29.25 -37.84 12.71
CA PRO B 134 -29.16 -38.82 11.62
C PRO B 134 -29.54 -38.15 10.30
N LEU B 135 -28.88 -38.52 9.19
CA LEU B 135 -29.21 -38.05 7.82
C LEU B 135 -29.78 -39.24 7.04
N ALA B 136 -31.08 -39.53 7.24
CA ALA B 136 -31.78 -40.72 6.70
C ALA B 136 -31.66 -40.76 5.18
N PRO B 137 -31.60 -41.96 4.57
CA PRO B 137 -31.48 -42.12 3.12
C PRO B 137 -32.79 -41.82 2.38
N SER B 138 -32.74 -40.94 1.38
CA SER B 138 -33.90 -40.52 0.55
C SER B 138 -34.83 -41.72 0.34
N SER B 139 -36.11 -41.57 0.72
CA SER B 139 -37.20 -42.57 0.53
C SER B 139 -37.37 -42.91 -0.96
N LYS B 140 -36.88 -42.04 -1.84
CA LYS B 140 -36.86 -42.21 -3.33
C LYS B 140 -36.15 -43.51 -3.72
N SER B 141 -35.21 -43.99 -2.89
CA SER B 141 -34.60 -45.35 -2.94
C SER B 141 -34.79 -45.98 -4.33
N THR B 142 -34.05 -45.49 -5.34
CA THR B 142 -34.15 -45.93 -6.76
C THR B 142 -33.35 -47.23 -6.97
N SER B 143 -33.88 -48.12 -7.83
CA SER B 143 -33.27 -49.42 -8.21
C SER B 143 -31.90 -49.19 -8.88
N GLY B 144 -31.83 -48.24 -9.82
CA GLY B 144 -30.58 -47.75 -10.43
C GLY B 144 -29.95 -46.64 -9.59
N GLY B 145 -28.61 -46.65 -9.47
CA GLY B 145 -27.87 -45.91 -8.45
C GLY B 145 -27.85 -46.67 -7.14
N THR B 146 -27.68 -46.00 -6.00
CA THR B 146 -27.73 -46.63 -4.65
C THR B 146 -28.03 -45.57 -3.58
N ALA B 147 -28.05 -45.97 -2.31
CA ALA B 147 -28.57 -45.19 -1.16
C ALA B 147 -27.43 -44.42 -0.48
N ALA B 148 -27.50 -43.08 -0.53
CA ALA B 148 -26.68 -42.16 0.30
C ALA B 148 -27.38 -41.95 1.65
N LEU B 149 -26.66 -42.16 2.75
CA LEU B 149 -27.12 -41.84 4.13
C LEU B 149 -25.92 -41.39 4.95
N GLY B 150 -26.14 -40.60 6.00
CA GLY B 150 -25.05 -39.94 6.74
C GLY B 150 -25.42 -39.63 8.18
N CYS B 151 -24.60 -38.78 8.82
CA CYS B 151 -24.70 -38.35 10.24
C CYS B 151 -24.20 -36.89 10.32
N LEU B 152 -25.04 -35.99 10.85
CA LEU B 152 -24.73 -34.54 11.02
C LEU B 152 -24.10 -34.31 12.40
N VAL B 153 -22.98 -33.58 12.43
CA VAL B 153 -22.21 -33.28 13.67
C VAL B 153 -22.13 -31.76 13.82
N LYS B 154 -22.92 -31.20 14.75
CA LYS B 154 -23.34 -29.78 14.74
C LYS B 154 -22.76 -29.04 15.95
N ASP B 155 -22.12 -27.89 15.71
CA ASP B 155 -21.83 -26.84 16.72
C ASP B 155 -20.93 -27.43 17.82
N TYR B 156 -19.63 -27.58 17.54
CA TYR B 156 -18.59 -28.04 18.51
C TYR B 156 -17.36 -27.11 18.42
N PHE B 157 -16.47 -27.22 19.42
CA PHE B 157 -15.19 -26.46 19.52
C PHE B 157 -14.26 -27.13 20.54
N PRO B 158 -12.92 -27.17 20.32
CA PRO B 158 -12.32 -26.94 19.01
C PRO B 158 -12.31 -28.24 18.19
N GLU B 159 -11.66 -28.22 17.03
CA GLU B 159 -11.30 -29.44 16.24
C GLU B 159 -10.34 -30.28 17.08
N PRO B 160 -10.21 -31.61 16.83
CA PRO B 160 -10.98 -32.33 15.83
C PRO B 160 -12.11 -33.19 16.43
N VAL B 161 -12.77 -33.96 15.57
CA VAL B 161 -13.80 -34.97 15.96
C VAL B 161 -13.55 -36.23 15.12
N THR B 162 -13.96 -37.40 15.61
CA THR B 162 -13.70 -38.72 14.98
C THR B 162 -15.04 -39.37 14.64
N VAL B 163 -15.16 -39.99 13.46
CA VAL B 163 -16.44 -40.59 12.96
C VAL B 163 -16.15 -41.96 12.33
N SER B 164 -16.84 -43.00 12.81
CA SER B 164 -16.76 -44.40 12.30
C SER B 164 -18.18 -44.94 12.09
N TRP B 165 -18.30 -46.11 11.44
CA TRP B 165 -19.59 -46.75 11.08
C TRP B 165 -19.56 -48.23 11.47
N ASN B 166 -20.41 -48.62 12.42
CA ASN B 166 -20.52 -49.98 13.01
C ASN B 166 -19.17 -50.33 13.67
N SER B 167 -18.66 -49.40 14.49
CA SER B 167 -17.45 -49.56 15.34
C SER B 167 -16.25 -50.00 14.48
N GLY B 168 -16.08 -49.43 13.29
CA GLY B 168 -14.97 -49.71 12.37
C GLY B 168 -15.40 -50.54 11.17
N ALA B 169 -16.23 -51.56 11.40
CA ALA B 169 -16.69 -52.56 10.39
C ALA B 169 -16.83 -51.92 8.99
N LEU B 170 -17.68 -50.89 8.87
CA LEU B 170 -18.11 -50.28 7.58
C LEU B 170 -17.19 -49.10 7.23
N THR B 171 -16.31 -49.29 6.23
CA THR B 171 -15.47 -48.24 5.59
C THR B 171 -15.68 -48.22 4.06
N SER B 172 -16.57 -49.06 3.53
CA SER B 172 -16.85 -49.20 2.08
C SER B 172 -17.88 -48.12 1.67
N GLY B 173 -17.38 -46.95 1.27
CA GLY B 173 -18.19 -45.81 0.79
C GLY B 173 -17.90 -44.51 1.53
N VAL B 174 -17.41 -44.60 2.77
CA VAL B 174 -17.36 -43.46 3.76
C VAL B 174 -16.64 -42.25 3.12
N HIS B 175 -17.34 -41.11 3.10
CA HIS B 175 -16.79 -39.76 2.85
C HIS B 175 -17.19 -38.86 4.03
N THR B 176 -16.20 -38.45 4.84
CA THR B 176 -16.35 -37.56 6.02
C THR B 176 -15.79 -36.19 5.65
N PHE B 177 -16.69 -35.22 5.43
CA PHE B 177 -16.37 -33.92 4.77
C PHE B 177 -15.65 -33.02 5.76
N PRO B 178 -14.61 -32.28 5.30
CA PRO B 178 -13.98 -31.23 6.11
C PRO B 178 -15.05 -30.36 6.77
N ALA B 179 -14.77 -29.84 7.98
CA ALA B 179 -15.73 -29.09 8.81
C ALA B 179 -15.85 -27.66 8.27
N VAL B 180 -17.00 -27.01 8.54
CA VAL B 180 -17.23 -25.57 8.26
C VAL B 180 -16.96 -24.82 9.56
N LEU B 181 -16.27 -23.67 9.50
CA LEU B 181 -16.12 -22.73 10.65
C LEU B 181 -17.20 -21.64 10.52
N GLN B 182 -18.17 -21.65 11.43
CA GLN B 182 -19.38 -20.79 11.36
C GLN B 182 -19.02 -19.39 11.89
N SER B 183 -19.82 -18.38 11.57
CA SER B 183 -19.69 -17.00 12.12
C SER B 183 -19.85 -17.05 13.65
N SER B 184 -20.65 -18.01 14.14
CA SER B 184 -20.85 -18.33 15.59
C SER B 184 -19.50 -18.66 16.25
N GLY B 185 -18.52 -19.15 15.49
CA GLY B 185 -17.22 -19.62 15.98
C GLY B 185 -17.20 -21.12 16.23
N LEU B 186 -18.35 -21.79 16.12
CA LEU B 186 -18.48 -23.25 16.30
C LEU B 186 -18.19 -23.95 14.97
N TYR B 187 -17.76 -25.20 15.05
CA TYR B 187 -17.52 -26.10 13.88
C TYR B 187 -18.74 -26.98 13.68
N SER B 188 -19.04 -27.32 12.43
CA SER B 188 -19.95 -28.44 12.06
C SER B 188 -19.30 -29.26 10.93
N LEU B 189 -19.47 -30.58 10.94
CA LEU B 189 -19.21 -31.42 9.76
C LEU B 189 -20.30 -32.50 9.65
N SER B 190 -20.34 -33.19 8.50
CA SER B 190 -21.21 -34.36 8.24
C SER B 190 -20.36 -35.49 7.66
N SER B 191 -20.80 -36.73 7.85
CA SER B 191 -20.24 -37.94 7.20
C SER B 191 -21.37 -38.70 6.49
N VAL B 192 -21.23 -38.90 5.18
CA VAL B 192 -22.16 -39.71 4.34
C VAL B 192 -21.44 -41.02 3.94
N VAL B 193 -22.20 -42.10 3.84
CA VAL B 193 -21.70 -43.43 3.36
C VAL B 193 -22.69 -43.95 2.31
N THR B 194 -22.20 -44.26 1.12
CA THR B 194 -23.00 -44.81 -0.01
C THR B 194 -23.04 -46.34 0.14
N VAL B 195 -24.21 -46.89 0.48
CA VAL B 195 -24.42 -48.34 0.80
C VAL B 195 -25.52 -48.90 -0.08
N PRO B 196 -25.62 -50.24 -0.24
CA PRO B 196 -26.52 -50.84 -1.22
C PRO B 196 -28.00 -50.46 -1.04
N SER B 197 -28.69 -50.17 -2.15
CA SER B 197 -30.14 -49.84 -2.21
C SER B 197 -30.93 -50.90 -1.43
N SER B 198 -30.78 -52.17 -1.83
CA SER B 198 -31.34 -53.35 -1.13
C SER B 198 -30.66 -53.51 0.24
N SER B 199 -31.08 -54.50 1.03
CA SER B 199 -30.58 -54.77 2.40
C SER B 199 -30.46 -53.44 3.17
N LEU B 200 -31.59 -52.73 3.30
CA LEU B 200 -31.71 -51.46 4.06
C LEU B 200 -32.58 -51.66 5.31
N GLY B 201 -33.70 -52.39 5.17
CA GLY B 201 -34.60 -52.76 6.28
C GLY B 201 -34.02 -53.88 7.14
N THR B 202 -32.92 -54.50 6.69
CA THR B 202 -32.19 -55.59 7.40
C THR B 202 -30.93 -55.02 8.08
N GLN B 203 -30.17 -54.17 7.38
CA GLN B 203 -28.84 -53.69 7.84
C GLN B 203 -29.01 -52.51 8.80
N THR B 204 -28.27 -52.54 9.92
CA THR B 204 -28.34 -51.57 11.05
C THR B 204 -27.06 -50.72 11.05
N TYR B 205 -27.17 -49.49 10.56
CA TYR B 205 -26.06 -48.49 10.43
C TYR B 205 -26.04 -47.57 11.64
N ILE B 206 -25.01 -47.70 12.47
CA ILE B 206 -24.70 -46.81 13.61
C ILE B 206 -23.44 -46.03 13.23
N CYS B 207 -23.52 -44.70 13.17
CA CYS B 207 -22.33 -43.80 13.11
C CYS B 207 -21.85 -43.57 14.54
N ASN B 208 -20.54 -43.58 14.76
CA ASN B 208 -19.93 -43.52 16.11
C ASN B 208 -19.02 -42.28 16.15
N VAL B 209 -19.44 -41.26 16.90
CA VAL B 209 -18.80 -39.91 16.94
C VAL B 209 -18.18 -39.67 18.31
N ASN B 210 -16.93 -39.23 18.34
CA ASN B 210 -16.19 -38.91 19.59
C ASN B 210 -15.49 -37.56 19.42
N HIS B 211 -15.74 -36.64 20.36
CA HIS B 211 -15.06 -35.32 20.50
C HIS B 211 -14.24 -35.34 21.80
N LYS B 212 -12.91 -35.35 21.69
CA LYS B 212 -11.98 -35.48 22.85
C LYS B 212 -12.10 -34.24 23.74
N PRO B 213 -11.79 -33.02 23.23
CA PRO B 213 -11.66 -31.83 24.08
C PRO B 213 -12.84 -31.58 25.06
N SER B 214 -14.06 -31.95 24.69
CA SER B 214 -15.29 -31.77 25.50
C SER B 214 -15.56 -33.02 26.35
N ASN B 215 -14.94 -34.16 25.98
CA ASN B 215 -15.23 -35.51 26.53
C ASN B 215 -16.67 -35.86 26.15
N THR B 216 -16.88 -36.27 24.89
CA THR B 216 -18.22 -36.59 24.32
C THR B 216 -18.10 -37.78 23.34
N LYS B 217 -18.65 -38.93 23.72
CA LYS B 217 -18.91 -40.08 22.82
C LYS B 217 -20.41 -40.17 22.58
N VAL B 218 -20.83 -40.38 21.33
CA VAL B 218 -22.26 -40.52 20.92
C VAL B 218 -22.34 -41.54 19.78
N ASP B 219 -23.31 -42.44 19.85
CA ASP B 219 -23.66 -43.42 18.78
C ASP B 219 -25.09 -43.13 18.33
N LYS B 220 -25.31 -42.95 17.02
CA LYS B 220 -26.63 -42.56 16.46
C LYS B 220 -27.08 -43.61 15.44
N ARG B 221 -28.31 -44.11 15.61
CA ARG B 221 -29.01 -45.01 14.65
C ARG B 221 -29.36 -44.18 13.41
N VAL B 222 -29.42 -44.82 12.24
CA VAL B 222 -29.78 -44.16 10.94
C VAL B 222 -30.63 -45.14 10.13
N GLU B 223 -31.95 -44.99 10.23
CA GLU B 223 -32.97 -45.78 9.49
C GLU B 223 -33.76 -44.82 8.62
N PRO B 224 -34.43 -45.29 7.54
CA PRO B 224 -35.21 -44.40 6.67
C PRO B 224 -36.46 -43.86 7.39
N LYS B 225 -37.26 -43.07 6.68
CA LYS B 225 -38.55 -42.52 7.19
C LYS B 225 -39.58 -43.66 7.21
N SER B 226 -40.70 -43.46 7.93
CA SER B 226 -41.75 -44.49 8.18
C SER B 226 -42.78 -44.47 7.04
N GLN C 5 -14.88 -6.66 1.54
CA GLN C 5 -14.38 -6.04 0.26
C GLN C 5 -15.25 -6.49 -0.91
N SER C 6 -14.69 -6.41 -2.13
CA SER C 6 -15.22 -6.85 -3.45
C SER C 6 -16.00 -5.70 -4.11
N VAL C 7 -15.42 -4.50 -4.03
CA VAL C 7 -15.82 -3.31 -4.83
C VAL C 7 -15.59 -3.65 -6.31
N LEU C 8 -14.49 -4.34 -6.62
CA LEU C 8 -14.12 -4.69 -8.02
C LEU C 8 -14.60 -6.12 -8.31
N THR C 9 -15.09 -6.37 -9.52
CA THR C 9 -15.63 -7.71 -9.90
C THR C 9 -14.57 -8.48 -10.68
N GLN C 10 -14.30 -9.71 -10.25
CA GLN C 10 -13.50 -10.71 -10.99
C GLN C 10 -14.36 -11.96 -11.18
N PRO C 11 -14.03 -12.85 -12.13
CA PRO C 11 -14.59 -14.20 -12.12
C PRO C 11 -14.02 -14.96 -10.93
N PRO C 12 -14.79 -15.87 -10.28
CA PRO C 12 -14.27 -16.62 -9.14
C PRO C 12 -13.18 -17.63 -9.54
N SER C 13 -13.24 -18.17 -10.76
CA SER C 13 -12.25 -19.16 -11.29
C SER C 13 -12.11 -19.09 -12.83
N VAL C 14 -10.95 -19.52 -13.32
CA VAL C 14 -10.61 -19.76 -14.76
C VAL C 14 -9.68 -20.97 -14.81
N SER C 15 -9.64 -21.68 -15.94
CA SER C 15 -8.75 -22.86 -16.18
C SER C 15 -8.37 -22.98 -17.65
N ALA C 16 -7.14 -23.46 -17.91
CA ALA C 16 -6.67 -23.95 -19.23
C ALA C 16 -5.50 -24.92 -19.01
N ALA C 17 -5.10 -25.68 -20.04
CA ALA C 17 -4.05 -26.72 -19.96
C ALA C 17 -2.67 -26.07 -19.89
N PRO C 18 -1.58 -26.82 -19.56
CA PRO C 18 -0.24 -26.25 -19.57
C PRO C 18 0.12 -25.83 -21.00
N GLY C 19 0.87 -24.73 -21.13
CA GLY C 19 1.23 -24.14 -22.43
C GLY C 19 0.16 -23.22 -22.99
N GLN C 20 -1.10 -23.42 -22.60
CA GLN C 20 -2.24 -22.62 -23.12
C GLN C 20 -2.28 -21.26 -22.43
N LYS C 21 -3.30 -20.47 -22.75
CA LYS C 21 -3.43 -19.02 -22.45
C LYS C 21 -4.75 -18.80 -21.73
N VAL C 22 -4.84 -17.71 -20.95
CA VAL C 22 -6.07 -17.31 -20.23
C VAL C 22 -6.01 -15.80 -19.95
N THR C 23 -7.17 -15.18 -19.76
CA THR C 23 -7.28 -13.77 -19.32
C THR C 23 -8.19 -13.71 -18.08
N ILE C 24 -7.97 -12.74 -17.20
CA ILE C 24 -8.83 -12.50 -16.01
C ILE C 24 -9.30 -11.05 -16.03
N SER C 25 -10.61 -10.84 -16.12
CA SER C 25 -11.26 -9.51 -16.19
C SER C 25 -11.34 -8.92 -14.78
N CYS C 26 -11.24 -7.60 -14.69
CA CYS C 26 -11.42 -6.81 -13.45
C CYS C 26 -12.30 -5.60 -13.74
N SER C 27 -13.51 -5.58 -13.18
CA SER C 27 -14.61 -4.65 -13.54
C SER C 27 -14.87 -3.69 -12.38
N GLY C 28 -14.81 -2.37 -12.62
CA GLY C 28 -15.00 -1.35 -11.58
C GLY C 28 -15.97 -0.26 -12.00
N SER C 29 -15.76 0.95 -11.48
CA SER C 29 -16.63 2.15 -11.69
C SER C 29 -15.78 3.32 -12.19
N SER C 30 -16.42 4.47 -12.43
CA SER C 30 -15.78 5.74 -12.84
C SER C 30 -14.83 6.25 -11.74
N SER C 31 -15.12 5.94 -10.47
CA SER C 31 -14.42 6.51 -9.29
C SER C 31 -13.26 5.62 -8.85
N ASN C 32 -13.11 4.40 -9.39
CA ASN C 32 -11.92 3.55 -9.15
C ASN C 32 -11.22 3.32 -10.49
N ILE C 33 -11.40 2.15 -11.12
CA ILE C 33 -10.62 1.79 -12.34
C ILE C 33 -10.76 2.93 -13.37
N GLY C 34 -11.97 3.50 -13.49
CA GLY C 34 -12.27 4.63 -14.39
C GLY C 34 -11.22 5.74 -14.36
N ASN C 35 -10.66 6.06 -13.18
CA ASN C 35 -9.81 7.26 -12.97
C ASN C 35 -8.49 6.92 -12.26
N HIS C 36 -8.20 5.64 -12.02
CA HIS C 36 -7.06 5.16 -11.21
C HIS C 36 -6.45 3.89 -11.81
N TYR C 37 -5.14 3.74 -11.61
CA TYR C 37 -4.26 2.65 -12.11
C TYR C 37 -4.53 1.36 -11.32
N VAL C 38 -4.61 0.25 -12.05
CA VAL C 38 -4.88 -1.11 -11.52
C VAL C 38 -3.55 -1.86 -11.32
N SER C 39 -3.47 -2.63 -10.24
CA SER C 39 -2.34 -3.50 -9.84
C SER C 39 -2.84 -4.94 -9.76
N TRP C 40 -1.98 -5.91 -10.09
CA TRP C 40 -2.34 -7.35 -10.06
C TRP C 40 -1.41 -8.08 -9.10
N TYR C 41 -1.99 -8.85 -8.18
CA TYR C 41 -1.32 -9.59 -7.08
C TYR C 41 -1.54 -11.09 -7.27
N GLN C 42 -0.48 -11.87 -7.11
CA GLN C 42 -0.49 -13.34 -7.20
C GLN C 42 -0.33 -13.90 -5.79
N GLN C 43 -1.18 -14.84 -5.40
CA GLN C 43 -1.08 -15.51 -4.09
C GLN C 43 -1.06 -17.04 -4.26
N LEU C 44 0.12 -17.66 -4.11
CA LEU C 44 0.27 -19.13 -4.12
C LEU C 44 -0.28 -19.67 -2.81
N PRO C 45 -0.81 -20.92 -2.79
CA PRO C 45 -1.35 -21.50 -1.56
C PRO C 45 -0.41 -21.38 -0.35
N GLY C 46 -0.92 -20.82 0.74
CA GLY C 46 -0.22 -20.68 2.03
C GLY C 46 0.88 -19.64 1.98
N THR C 47 0.84 -18.69 1.04
CA THR C 47 1.90 -17.66 0.84
C THR C 47 1.29 -16.25 0.83
N ALA C 48 2.16 -15.24 0.83
CA ALA C 48 1.84 -13.80 0.80
C ALA C 48 1.61 -13.33 -0.62
N PRO C 49 0.61 -12.45 -0.87
CA PRO C 49 0.45 -11.87 -2.21
C PRO C 49 1.77 -11.29 -2.73
N LYS C 50 2.01 -11.41 -4.03
CA LYS C 50 3.18 -10.83 -4.75
C LYS C 50 2.68 -9.88 -5.84
N LEU C 51 3.21 -8.65 -5.87
CA LEU C 51 2.95 -7.68 -6.96
C LEU C 51 3.50 -8.23 -8.28
N LEU C 52 2.61 -8.49 -9.23
CA LEU C 52 2.97 -8.82 -10.63
C LEU C 52 3.02 -7.51 -11.42
N ILE C 53 1.91 -6.78 -11.45
CA ILE C 53 1.63 -5.65 -12.38
C ILE C 53 1.19 -4.43 -11.57
N TYR C 54 1.65 -3.24 -11.95
CA TYR C 54 1.29 -1.92 -11.39
C TYR C 54 1.21 -0.91 -12.53
N ASP C 55 0.61 0.26 -12.27
CA ASP C 55 0.29 1.29 -13.28
C ASP C 55 -0.26 0.60 -14.54
N ASN C 56 -1.24 -0.30 -14.37
CA ASN C 56 -2.02 -0.99 -15.43
C ASN C 56 -1.18 -2.09 -16.10
N SER C 57 0.09 -1.87 -16.45
CA SER C 57 0.84 -2.81 -17.32
C SER C 57 2.35 -2.81 -17.09
N GLU C 58 2.86 -2.23 -15.99
CA GLU C 58 4.32 -2.29 -15.67
C GLU C 58 4.56 -3.56 -14.84
N ARG C 59 5.27 -4.52 -15.41
CA ARG C 59 5.74 -5.76 -14.73
C ARG C 59 6.83 -5.37 -13.72
N THR C 60 6.84 -6.02 -12.56
CA THR C 60 7.93 -5.95 -11.53
C THR C 60 9.09 -6.84 -11.98
N ALA C 61 10.26 -6.69 -11.34
CA ALA C 61 11.51 -7.42 -11.66
C ALA C 61 11.27 -8.94 -11.61
N GLY C 62 11.65 -9.68 -12.66
CA GLY C 62 11.55 -11.15 -12.72
C GLY C 62 10.29 -11.62 -13.43
N VAL C 63 9.22 -10.82 -13.40
CA VAL C 63 7.91 -11.16 -14.04
C VAL C 63 8.09 -11.16 -15.56
N PRO C 64 7.83 -12.28 -16.26
CA PRO C 64 7.99 -12.36 -17.72
C PRO C 64 6.79 -11.92 -18.56
N ASP C 65 7.07 -11.56 -19.82
CA ASP C 65 6.16 -10.83 -20.75
C ASP C 65 4.86 -11.60 -20.98
N ARG C 66 4.83 -12.90 -20.69
CA ARG C 66 3.62 -13.76 -20.82
C ARG C 66 2.56 -13.34 -19.78
N PHE C 67 2.97 -12.68 -18.68
CA PHE C 67 2.09 -11.97 -17.71
C PHE C 67 1.90 -10.53 -18.17
N SER C 68 0.71 -10.20 -18.67
CA SER C 68 0.43 -8.91 -19.36
C SER C 68 -0.80 -8.25 -18.74
N GLY C 69 -0.70 -6.94 -18.44
CA GLY C 69 -1.80 -6.11 -17.92
C GLY C 69 -2.35 -5.15 -18.96
N SER C 70 -3.65 -4.87 -18.92
CA SER C 70 -4.30 -3.86 -19.81
C SER C 70 -5.53 -3.27 -19.13
N LYS C 71 -5.96 -2.11 -19.61
CA LYS C 71 -7.03 -1.29 -19.00
C LYS C 71 -7.67 -0.43 -20.08
N SER C 72 -9.01 -0.39 -20.09
CA SER C 72 -9.87 0.38 -21.03
C SER C 72 -11.12 0.80 -20.27
N GLY C 73 -11.46 2.10 -20.29
CA GLY C 73 -12.67 2.63 -19.61
C GLY C 73 -12.65 2.29 -18.13
N THR C 74 -13.52 1.38 -17.68
CA THR C 74 -13.74 1.04 -16.24
C THR C 74 -13.43 -0.44 -15.98
N SER C 75 -12.72 -1.11 -16.89
CA SER C 75 -12.32 -2.54 -16.80
C SER C 75 -10.81 -2.70 -17.00
N ALA C 76 -10.26 -3.82 -16.49
CA ALA C 76 -8.85 -4.20 -16.60
C ALA C 76 -8.75 -5.73 -16.79
N THR C 77 -7.71 -6.18 -17.49
CA THR C 77 -7.46 -7.61 -17.81
C THR C 77 -6.03 -8.00 -17.44
N LEU C 78 -5.87 -9.22 -16.93
CA LEU C 78 -4.58 -9.94 -16.73
C LEU C 78 -4.54 -11.09 -17.73
N GLY C 79 -3.66 -10.99 -18.72
CA GLY C 79 -3.35 -12.08 -19.65
C GLY C 79 -2.19 -12.90 -19.13
N ILE C 80 -2.36 -14.22 -19.06
CA ILE C 80 -1.28 -15.22 -18.80
C ILE C 80 -1.26 -16.22 -19.96
N THR C 81 -0.17 -16.24 -20.74
CA THR C 81 0.10 -17.24 -21.81
C THR C 81 1.17 -18.21 -21.29
N GLY C 82 1.34 -19.36 -21.96
CA GLY C 82 2.36 -20.37 -21.64
C GLY C 82 2.15 -21.00 -20.27
N LEU C 83 0.89 -21.27 -19.90
CA LEU C 83 0.51 -21.67 -18.52
C LEU C 83 1.42 -22.81 -18.05
N GLN C 84 2.14 -22.60 -16.93
CA GLN C 84 2.86 -23.65 -16.16
C GLN C 84 2.05 -23.96 -14.90
N THR C 85 2.25 -25.13 -14.28
CA THR C 85 1.49 -25.54 -13.06
C THR C 85 1.87 -24.61 -11.90
N GLY C 86 3.03 -23.98 -11.97
CA GLY C 86 3.52 -22.99 -10.98
C GLY C 86 2.72 -21.69 -11.00
N ASP C 87 1.86 -21.50 -12.01
CA ASP C 87 0.95 -20.34 -12.13
C ASP C 87 -0.27 -20.53 -11.22
N GLU C 88 -0.52 -21.76 -10.73
CA GLU C 88 -1.70 -22.10 -9.91
C GLU C 88 -1.69 -21.27 -8.62
N ALA C 89 -2.45 -20.17 -8.64
CA ALA C 89 -2.54 -19.18 -7.55
C ALA C 89 -3.97 -18.62 -7.52
N ASP C 90 -4.26 -17.77 -6.54
CA ASP C 90 -5.40 -16.82 -6.53
C ASP C 90 -4.85 -15.45 -6.97
N TYR C 91 -5.52 -14.78 -7.90
CA TYR C 91 -5.08 -13.50 -8.52
C TYR C 91 -6.09 -12.41 -8.17
N TYR C 92 -5.59 -11.25 -7.72
CA TYR C 92 -6.41 -10.10 -7.26
C TYR C 92 -6.01 -8.85 -8.05
N CYS C 93 -7.01 -8.11 -8.53
CA CYS C 93 -6.83 -6.70 -8.98
C CYS C 93 -7.01 -5.79 -7.77
N GLY C 94 -6.53 -4.55 -7.87
CA GLY C 94 -6.57 -3.52 -6.82
C GLY C 94 -6.26 -2.16 -7.41
N THR C 95 -6.82 -1.10 -6.81
CA THR C 95 -6.66 0.31 -7.23
C THR C 95 -7.17 1.23 -6.11
N TRP C 96 -7.29 2.52 -6.37
CA TRP C 96 -7.88 3.51 -5.43
C TRP C 96 -9.34 3.75 -5.81
N ASP C 97 -10.24 3.90 -4.81
CA ASP C 97 -11.64 4.34 -5.03
C ASP C 97 -11.79 5.77 -4.48
N GLU C 98 -12.03 6.77 -5.34
CA GLU C 98 -12.16 8.17 -4.87
C GLU C 98 -13.60 8.44 -4.40
N LEU C 99 -14.45 7.42 -4.28
CA LEU C 99 -15.82 7.54 -3.69
C LEU C 99 -15.77 7.26 -2.19
N THR C 100 -15.07 6.20 -1.79
CA THR C 100 -14.95 5.74 -0.37
C THR C 100 -13.58 6.11 0.24
N SER C 101 -12.65 6.64 -0.55
CA SER C 101 -11.28 7.00 -0.08
C SER C 101 -10.61 5.73 0.46
N ASN C 102 -10.69 4.63 -0.28
CA ASN C 102 -10.10 3.32 0.11
C ASN C 102 -9.23 2.81 -1.03
N LEU C 103 -8.12 2.18 -0.69
CA LEU C 103 -7.50 1.14 -1.56
C LEU C 103 -8.54 0.01 -1.64
N VAL C 104 -8.89 -0.42 -2.85
CA VAL C 104 -9.92 -1.48 -3.06
C VAL C 104 -9.31 -2.61 -3.88
N PHE C 105 -9.97 -3.78 -3.80
CA PHE C 105 -9.54 -5.09 -4.34
C PHE C 105 -10.74 -5.80 -4.96
N GLY C 106 -10.49 -6.68 -5.92
CA GLY C 106 -11.48 -7.68 -6.36
C GLY C 106 -11.52 -8.86 -5.40
N GLY C 107 -12.50 -9.74 -5.59
CA GLY C 107 -12.76 -10.91 -4.73
C GLY C 107 -11.80 -12.06 -5.03
N GLY C 108 -10.96 -11.94 -6.06
CA GLY C 108 -9.92 -12.92 -6.43
C GLY C 108 -10.42 -13.92 -7.48
N THR C 109 -9.47 -14.53 -8.20
CA THR C 109 -9.74 -15.56 -9.24
C THR C 109 -8.78 -16.73 -8.99
N LYS C 110 -9.32 -17.92 -8.73
CA LYS C 110 -8.56 -19.19 -8.56
C LYS C 110 -8.20 -19.70 -9.96
N LEU C 111 -6.92 -19.70 -10.33
CA LEU C 111 -6.41 -20.30 -11.60
C LEU C 111 -5.98 -21.75 -11.35
N THR C 112 -6.51 -22.66 -12.17
CA THR C 112 -6.18 -24.10 -12.21
C THR C 112 -5.52 -24.39 -13.57
N VAL C 113 -4.32 -25.00 -13.57
CA VAL C 113 -3.71 -25.56 -14.81
C VAL C 113 -4.14 -27.03 -14.89
N LEU C 114 -4.92 -27.36 -15.91
CA LEU C 114 -5.60 -28.69 -16.01
C LEU C 114 -4.56 -29.80 -16.09
N GLY C 115 -4.52 -30.68 -15.08
CA GLY C 115 -3.68 -31.90 -15.04
C GLY C 115 -4.53 -33.16 -15.16
N GLN C 116 -5.86 -33.05 -15.04
CA GLN C 116 -6.80 -34.18 -15.23
C GLN C 116 -8.02 -33.68 -15.99
N PRO C 117 -8.93 -34.57 -16.43
CA PRO C 117 -10.19 -34.14 -17.05
C PRO C 117 -11.09 -33.33 -16.11
N LYS C 118 -11.68 -32.25 -16.65
CA LYS C 118 -12.88 -31.55 -16.13
C LYS C 118 -13.83 -32.60 -15.55
N ALA C 119 -14.12 -32.52 -14.24
CA ALA C 119 -15.05 -33.41 -13.53
C ALA C 119 -16.05 -32.57 -12.76
N ALA C 120 -17.34 -32.69 -13.10
CA ALA C 120 -18.47 -31.92 -12.53
C ALA C 120 -18.85 -32.52 -11.20
N PRO C 121 -19.43 -31.73 -10.27
CA PRO C 121 -19.68 -32.18 -8.91
C PRO C 121 -20.89 -33.10 -8.75
N SER C 122 -20.76 -34.11 -7.89
CA SER C 122 -21.88 -34.92 -7.35
C SER C 122 -22.44 -34.21 -6.12
N VAL C 123 -23.75 -33.93 -6.14
CA VAL C 123 -24.46 -33.17 -5.07
C VAL C 123 -25.48 -34.09 -4.40
N THR C 124 -25.37 -34.21 -3.07
CA THR C 124 -26.34 -34.88 -2.18
C THR C 124 -26.87 -33.84 -1.17
N LEU C 125 -28.18 -33.61 -1.18
CA LEU C 125 -28.87 -32.63 -0.28
C LEU C 125 -29.77 -33.40 0.69
N PHE C 126 -29.52 -33.23 1.99
CA PHE C 126 -30.27 -33.87 3.11
C PHE C 126 -31.15 -32.82 3.78
N PRO C 127 -32.42 -33.14 4.11
CA PRO C 127 -33.30 -32.22 4.84
C PRO C 127 -33.09 -32.33 6.34
N PRO C 128 -33.78 -31.51 7.16
CA PRO C 128 -33.65 -31.61 8.61
C PRO C 128 -34.13 -32.99 9.06
N SER C 129 -33.38 -33.62 9.96
CA SER C 129 -33.77 -34.87 10.64
C SER C 129 -35.04 -34.60 11.45
N SER C 130 -35.92 -35.61 11.56
CA SER C 130 -37.08 -35.63 12.49
C SER C 130 -36.62 -35.16 13.87
N GLU C 131 -35.47 -35.63 14.32
CA GLU C 131 -34.87 -35.37 15.65
C GLU C 131 -34.59 -33.87 15.81
N GLU C 132 -33.92 -33.24 14.85
CA GLU C 132 -33.45 -31.83 14.95
C GLU C 132 -34.66 -30.89 15.01
N LEU C 133 -35.78 -31.27 14.39
CA LEU C 133 -37.03 -30.45 14.36
C LEU C 133 -37.70 -30.48 15.75
N GLN C 134 -37.58 -31.58 16.49
CA GLN C 134 -38.05 -31.66 17.91
C GLN C 134 -37.33 -30.59 18.72
N ALA C 135 -36.03 -30.42 18.48
CA ALA C 135 -35.15 -29.46 19.21
C ALA C 135 -35.44 -28.02 18.80
N ASN C 136 -36.39 -27.80 17.87
CA ASN C 136 -36.79 -26.45 17.38
C ASN C 136 -35.67 -25.90 16.51
N LYS C 137 -34.99 -26.76 15.73
CA LYS C 137 -33.89 -26.37 14.80
C LYS C 137 -34.14 -27.03 13.43
N ALA C 138 -33.42 -26.57 12.40
CA ALA C 138 -33.50 -27.07 11.02
C ALA C 138 -32.20 -26.79 10.27
N THR C 139 -31.51 -27.83 9.82
CA THR C 139 -30.30 -27.71 8.96
C THR C 139 -30.50 -28.59 7.73
N LEU C 140 -30.24 -28.00 6.55
CA LEU C 140 -30.13 -28.68 5.24
C LEU C 140 -28.63 -28.79 4.94
N VAL C 141 -28.20 -29.95 4.45
CA VAL C 141 -26.76 -30.28 4.27
C VAL C 141 -26.57 -30.63 2.80
N CYS C 142 -25.72 -29.85 2.13
CA CYS C 142 -25.37 -30.02 0.72
C CYS C 142 -23.93 -30.51 0.64
N LEU C 143 -23.76 -31.81 0.34
CA LEU C 143 -22.44 -32.49 0.23
C LEU C 143 -22.01 -32.48 -1.24
N ILE C 144 -20.81 -32.00 -1.51
CA ILE C 144 -20.30 -31.64 -2.87
C ILE C 144 -18.96 -32.32 -3.06
N SER C 145 -18.90 -33.33 -3.95
CA SER C 145 -17.77 -34.29 -4.07
C SER C 145 -17.37 -34.47 -5.54
N ASP C 146 -16.11 -34.87 -5.77
CA ASP C 146 -15.59 -35.36 -7.08
C ASP C 146 -15.70 -34.27 -8.14
N PHE C 147 -15.35 -33.02 -7.82
CA PHE C 147 -15.24 -31.94 -8.83
C PHE C 147 -13.76 -31.57 -8.98
N TYR C 148 -13.35 -31.32 -10.23
CA TYR C 148 -12.06 -30.71 -10.63
C TYR C 148 -12.32 -29.86 -11.87
N PRO C 149 -11.85 -28.60 -11.96
CA PRO C 149 -11.10 -27.93 -10.90
C PRO C 149 -11.83 -27.75 -9.55
N GLY C 150 -11.11 -27.23 -8.54
CA GLY C 150 -11.56 -27.10 -7.15
C GLY C 150 -12.10 -25.71 -6.86
N ALA C 151 -13.07 -25.27 -7.65
CA ALA C 151 -13.81 -24.00 -7.47
C ALA C 151 -15.29 -24.24 -7.82
N VAL C 152 -16.20 -23.98 -6.88
CA VAL C 152 -17.67 -23.97 -7.09
C VAL C 152 -18.26 -22.69 -6.47
N THR C 153 -19.34 -22.21 -7.07
CA THR C 153 -20.29 -21.22 -6.48
C THR C 153 -21.53 -21.99 -6.03
N VAL C 154 -22.03 -21.68 -4.83
CA VAL C 154 -23.21 -22.33 -4.21
C VAL C 154 -24.29 -21.26 -3.96
N ALA C 155 -25.48 -21.47 -4.50
CA ALA C 155 -26.67 -20.61 -4.34
C ALA C 155 -27.81 -21.47 -3.82
N TRP C 156 -28.42 -21.07 -2.70
CA TRP C 156 -29.60 -21.74 -2.10
C TRP C 156 -30.89 -21.05 -2.59
N LYS C 157 -31.95 -21.83 -2.84
CA LYS C 157 -33.30 -21.30 -3.18
C LYS C 157 -34.34 -21.79 -2.17
N ALA C 158 -35.16 -20.86 -1.67
CA ALA C 158 -36.43 -21.10 -0.95
C ALA C 158 -37.56 -20.96 -1.98
N ASP C 159 -38.24 -22.06 -2.29
CA ASP C 159 -39.08 -22.20 -3.53
C ASP C 159 -38.16 -21.88 -4.72
N SER C 160 -38.31 -20.70 -5.34
CA SER C 160 -37.44 -20.16 -6.42
C SER C 160 -36.72 -18.90 -5.96
N SER C 161 -36.94 -18.44 -4.71
CA SER C 161 -36.46 -17.13 -4.20
C SER C 161 -35.05 -17.26 -3.65
N PRO C 162 -34.19 -16.23 -3.80
CA PRO C 162 -32.82 -16.30 -3.30
C PRO C 162 -32.81 -16.26 -1.77
N VAL C 163 -32.04 -17.16 -1.15
CA VAL C 163 -31.81 -17.23 0.32
C VAL C 163 -30.41 -16.69 0.60
N LYS C 164 -30.29 -15.66 1.44
CA LYS C 164 -28.99 -15.03 1.79
C LYS C 164 -28.58 -15.46 3.21
N ALA C 165 -29.42 -15.22 4.21
CA ALA C 165 -29.10 -15.46 5.64
C ALA C 165 -28.97 -16.96 5.91
N GLY C 166 -28.11 -17.32 6.87
CA GLY C 166 -28.01 -18.68 7.46
C GLY C 166 -27.32 -19.67 6.54
N VAL C 167 -26.41 -19.20 5.68
CA VAL C 167 -25.60 -20.02 4.75
C VAL C 167 -24.15 -20.06 5.25
N GLU C 168 -23.58 -21.26 5.44
CA GLU C 168 -22.13 -21.48 5.70
C GLU C 168 -21.63 -22.51 4.67
N THR C 169 -20.71 -22.09 3.81
CA THR C 169 -20.07 -22.90 2.73
C THR C 169 -18.57 -23.02 3.03
N THR C 170 -18.01 -24.24 2.98
CA THR C 170 -16.56 -24.47 3.17
C THR C 170 -15.84 -24.06 1.89
N THR C 171 -14.53 -23.83 1.99
CA THR C 171 -13.61 -23.74 0.82
C THR C 171 -13.45 -25.15 0.28
N PRO C 172 -13.24 -25.33 -1.04
CA PRO C 172 -12.95 -26.65 -1.59
C PRO C 172 -11.65 -27.23 -1.02
N SER C 173 -11.60 -28.56 -0.86
CA SER C 173 -10.45 -29.30 -0.28
C SER C 173 -10.23 -30.60 -1.08
N LYS C 174 -9.05 -31.19 -0.93
CA LYS C 174 -8.51 -32.25 -1.83
C LYS C 174 -8.92 -33.62 -1.27
N GLN C 175 -9.71 -34.39 -2.04
CA GLN C 175 -10.09 -35.80 -1.73
C GLN C 175 -8.87 -36.69 -2.02
N SER C 176 -8.85 -37.91 -1.49
CA SER C 176 -7.70 -38.85 -1.59
C SER C 176 -7.42 -39.17 -3.07
N ASN C 177 -8.44 -39.15 -3.92
CA ASN C 177 -8.35 -39.50 -5.38
C ASN C 177 -8.04 -38.25 -6.23
N ASN C 178 -7.66 -37.13 -5.62
CA ASN C 178 -7.11 -35.90 -6.28
C ASN C 178 -8.23 -34.96 -6.75
N LYS C 179 -9.49 -35.35 -6.60
CA LYS C 179 -10.66 -34.47 -6.92
C LYS C 179 -11.00 -33.66 -5.68
N TYR C 180 -11.88 -32.66 -5.80
CA TYR C 180 -12.18 -31.69 -4.72
C TYR C 180 -13.57 -31.97 -4.12
N ALA C 181 -13.69 -31.64 -2.84
CA ALA C 181 -14.93 -31.71 -2.03
C ALA C 181 -15.23 -30.34 -1.40
N ALA C 182 -16.50 -30.11 -1.08
CA ALA C 182 -16.96 -28.93 -0.32
C ALA C 182 -18.30 -29.29 0.32
N SER C 183 -18.74 -28.53 1.31
CA SER C 183 -20.09 -28.67 1.90
C SER C 183 -20.70 -27.29 2.15
N SER C 184 -22.03 -27.27 2.26
CA SER C 184 -22.85 -26.04 2.41
C SER C 184 -23.99 -26.32 3.38
N TYR C 185 -24.20 -25.41 4.33
CA TYR C 185 -25.20 -25.55 5.42
C TYR C 185 -26.12 -24.33 5.39
N LEU C 186 -27.44 -24.56 5.29
CA LEU C 186 -28.50 -23.52 5.44
C LEU C 186 -29.22 -23.75 6.77
N SER C 187 -29.28 -22.73 7.61
CA SER C 187 -30.03 -22.75 8.90
C SER C 187 -31.40 -22.07 8.73
N LEU C 188 -32.46 -22.71 9.20
CA LEU C 188 -33.85 -22.23 9.09
C LEU C 188 -34.51 -22.32 10.46
N THR C 189 -35.69 -21.72 10.63
CA THR C 189 -36.67 -22.12 11.67
C THR C 189 -37.43 -23.31 11.11
N PRO C 190 -38.08 -24.14 11.95
CA PRO C 190 -38.99 -25.19 11.47
C PRO C 190 -40.22 -24.63 10.74
N GLU C 191 -40.59 -23.38 11.03
CA GLU C 191 -41.71 -22.68 10.38
C GLU C 191 -41.33 -22.34 8.94
N GLN C 192 -40.10 -21.85 8.72
CA GLN C 192 -39.55 -21.61 7.36
C GLN C 192 -39.54 -22.93 6.57
N TRP C 193 -38.95 -23.98 7.13
CA TRP C 193 -38.82 -25.32 6.48
C TRP C 193 -40.21 -25.81 6.05
N LYS C 194 -41.19 -25.76 6.96
CA LYS C 194 -42.54 -26.36 6.78
C LYS C 194 -43.43 -25.43 5.94
N SER C 195 -43.05 -24.17 5.73
CA SER C 195 -43.87 -23.13 5.07
C SER C 195 -43.38 -22.81 3.64
N HIS C 196 -42.46 -23.61 3.09
CA HIS C 196 -42.05 -23.56 1.66
C HIS C 196 -42.25 -24.94 1.04
N ARG C 197 -42.53 -24.98 -0.27
CA ARG C 197 -42.81 -26.24 -1.02
C ARG C 197 -41.51 -27.02 -1.17
N SER C 198 -40.43 -26.34 -1.56
CA SER C 198 -39.08 -26.92 -1.73
C SER C 198 -37.99 -25.90 -1.41
N TYR C 199 -36.84 -26.39 -0.92
CA TYR C 199 -35.53 -25.70 -0.88
C TYR C 199 -34.58 -26.43 -1.84
N SER C 200 -33.70 -25.69 -2.52
CA SER C 200 -32.71 -26.23 -3.49
C SER C 200 -31.30 -25.76 -3.15
N CYS C 201 -30.32 -26.65 -3.38
CA CYS C 201 -28.87 -26.37 -3.37
C CYS C 201 -28.38 -26.35 -4.81
N GLN C 202 -27.85 -25.21 -5.27
CA GLN C 202 -27.41 -25.00 -6.67
C GLN C 202 -25.90 -24.76 -6.71
N VAL C 203 -25.16 -25.67 -7.36
CA VAL C 203 -23.68 -25.69 -7.42
C VAL C 203 -23.26 -25.42 -8.87
N THR C 204 -22.68 -24.25 -9.12
CA THR C 204 -22.08 -23.87 -10.42
C THR C 204 -20.60 -24.30 -10.45
N HIS C 205 -20.25 -25.11 -11.44
CA HIS C 205 -18.88 -25.58 -11.77
C HIS C 205 -18.66 -25.34 -13.27
N GLU C 206 -17.62 -24.58 -13.62
CA GLU C 206 -17.26 -24.20 -15.02
C GLU C 206 -18.53 -23.88 -15.82
N GLY C 207 -19.32 -22.92 -15.33
CA GLY C 207 -20.41 -22.24 -16.07
C GLY C 207 -21.65 -23.09 -16.23
N SER C 208 -21.71 -24.25 -15.58
CA SER C 208 -22.83 -25.23 -15.62
C SER C 208 -23.23 -25.62 -14.20
N THR C 209 -24.54 -25.64 -13.93
CA THR C 209 -25.14 -25.73 -12.57
C THR C 209 -25.65 -27.15 -12.33
N VAL C 210 -25.34 -27.72 -11.18
CA VAL C 210 -25.94 -28.98 -10.66
C VAL C 210 -26.87 -28.61 -9.48
N GLU C 211 -28.16 -28.92 -9.61
CA GLU C 211 -29.24 -28.54 -8.66
C GLU C 211 -29.77 -29.78 -7.98
N LYS C 212 -29.88 -29.77 -6.65
CA LYS C 212 -30.60 -30.79 -5.85
C LYS C 212 -31.65 -30.07 -5.02
N THR C 213 -32.82 -30.70 -4.88
CA THR C 213 -34.04 -30.16 -4.22
C THR C 213 -34.57 -31.19 -3.23
N VAL C 214 -35.18 -30.70 -2.15
CA VAL C 214 -35.96 -31.50 -1.16
C VAL C 214 -37.22 -30.70 -0.81
N ALA C 215 -38.19 -31.40 -0.20
CA ALA C 215 -39.50 -30.86 0.22
C ALA C 215 -39.84 -31.41 1.60
N PRO C 216 -40.56 -30.65 2.45
CA PRO C 216 -41.19 -31.23 3.64
C PRO C 216 -42.22 -32.28 3.21
N THR C 217 -42.09 -33.52 3.71
CA THR C 217 -43.00 -34.67 3.36
C THR C 217 -44.43 -34.33 3.77
C1 GOL D . 17.28 45.26 -12.13
O1 GOL D . 16.85 43.93 -11.92
C2 GOL D . 18.39 45.34 -13.17
O2 GOL D . 18.74 46.71 -13.38
C3 GOL D . 19.63 44.54 -12.79
O3 GOL D . 20.81 45.34 -12.88
H11 GOL D . 17.61 45.64 -11.28
H12 GOL D . 16.52 45.81 -12.44
HO1 GOL D . 16.23 43.90 -11.38
H2 GOL D . 18.03 44.98 -14.01
HO2 GOL D . 19.58 46.80 -13.19
H31 GOL D . 19.71 43.77 -13.40
H32 GOL D . 19.53 44.21 -11.87
HO3 GOL D . 20.93 45.55 -13.69
C1 GOL E . 36.68 26.92 11.52
O1 GOL E . 35.61 26.86 10.58
C2 GOL E . 36.17 27.11 12.94
O2 GOL E . 35.24 26.09 13.27
C3 GOL E . 37.29 27.14 13.96
O3 GOL E . 37.42 28.44 14.53
H11 GOL E . 37.26 27.68 11.28
H12 GOL E . 37.19 26.09 11.47
HO1 GOL E . 35.94 26.76 9.86
H2 GOL E . 35.70 27.98 12.98
HO2 GOL E . 35.60 25.79 14.08
H31 GOL E . 38.13 26.89 13.53
H32 GOL E . 37.09 26.48 14.67
HO3 GOL E . 38.25 28.60 14.63
C1 GOL F . 39.99 36.58 -18.00
O1 GOL F . 40.37 35.41 -17.28
C2 GOL F . 38.48 36.71 -18.08
O2 GOL F . 38.09 36.82 -19.45
C3 GOL F . 37.93 37.88 -17.29
O3 GOL F . 36.56 37.66 -16.94
H11 GOL F . 40.37 36.54 -18.91
H12 GOL F . 40.36 37.37 -17.54
HO1 GOL F . 41.20 35.39 -17.27
H2 GOL F . 38.09 35.88 -17.71
HO2 GOL F . 37.65 37.55 -19.59
H31 GOL F . 38.00 38.70 -17.83
H32 GOL F . 38.46 37.99 -16.47
HO3 GOL F . 36.10 37.72 -17.65
C1 GOL G . 36.44 18.88 -11.26
O1 GOL G . 36.96 17.57 -11.53
C2 GOL G . 37.36 19.68 -10.35
O2 GOL G . 37.28 21.06 -10.72
C3 GOL G . 37.02 19.54 -8.88
O3 GOL G . 37.83 20.36 -8.04
H11 GOL G . 35.56 18.79 -10.83
H12 GOL G . 36.32 19.36 -12.11
HO1 GOL G . 36.41 17.17 -12.04
H2 GOL G . 38.28 19.37 -10.49
HO2 GOL G . 37.08 21.50 -10.03
H31 GOL G . 37.13 18.60 -8.61
H32 GOL G . 36.07 19.79 -8.75
HO3 GOL G . 38.64 20.26 -8.27
C1 GOL H . 34.62 18.94 7.67
O1 GOL H . 35.11 20.01 6.87
C2 GOL H . 33.50 18.19 6.97
O2 GOL H . 34.05 17.19 6.11
C3 GOL H . 32.52 17.54 7.92
O3 GOL H . 32.07 18.46 8.93
H11 GOL H . 34.30 19.29 8.52
H12 GOL H . 35.36 18.31 7.86
HO1 GOL H . 35.83 20.32 7.39
H2 GOL H . 33.00 18.83 6.42
HO2 GOL H . 33.71 16.47 6.29
H31 GOL H . 32.95 16.77 8.35
H32 GOL H . 31.74 17.22 7.41
HO3 GOL H . 31.96 19.21 8.56
C1 GOL I . 22.63 31.61 21.02
O1 GOL I . 22.71 32.95 21.51
C2 GOL I . 21.34 31.36 20.27
O2 GOL I . 21.55 30.39 19.25
C3 GOL I . 20.21 30.89 21.17
O3 GOL I . 19.03 30.59 20.43
H11 GOL I . 22.69 30.99 21.79
H12 GOL I . 23.39 31.44 20.42
HO1 GOL I . 23.45 33.10 21.86
H2 GOL I . 21.06 32.20 19.85
HO2 GOL I . 21.04 29.75 19.37
H31 GOL I . 20.00 31.61 21.83
H32 GOL I . 20.50 30.09 21.67
HO3 GOL I . 18.76 31.30 20.04
C1 GOL J . -1.54 17.27 -17.33
O1 GOL J . -0.56 18.26 -17.06
C2 GOL J . -0.91 15.99 -17.83
O2 GOL J . 0.21 16.29 -18.65
C3 GOL J . -0.49 15.05 -16.71
O3 GOL J . 0.20 13.91 -17.20
H11 GOL J . -2.17 17.61 -18.01
H12 GOL J . -2.05 17.08 -16.50
HO1 GOL J . -0.93 18.95 -16.82
H2 GOL J . -1.58 15.51 -18.38
HO2 GOL J . 0.86 15.84 -18.36
H31 GOL J . -1.29 14.76 -16.21
H32 GOL J . 0.09 15.55 -16.09
HO3 GOL J . -0.34 13.48 -17.70
C1 GOL K . 10.26 37.80 -25.89
O1 GOL K . 11.21 37.00 -26.60
C2 GOL K . 8.90 37.76 -26.56
O2 GOL K . 8.57 36.42 -26.95
C3 GOL K . 7.80 38.31 -25.67
O3 GOL K . 7.60 37.50 -24.51
H11 GOL K . 10.58 38.73 -25.86
H12 GOL K . 10.18 37.46 -24.97
HO1 GOL K . 11.93 37.15 -26.17
H2 GOL K . 8.94 38.32 -27.37
HO2 GOL K . 7.81 36.18 -26.60
H31 GOL K . 6.95 38.35 -26.18
H32 GOL K . 8.03 39.23 -25.39
HO3 GOL K . 7.31 36.74 -24.77
C1 GOL L . 32.97 10.53 -4.33
O1 GOL L . 32.48 9.18 -4.36
C2 GOL L . 34.32 10.66 -4.99
O2 GOL L . 34.17 11.32 -6.24
C3 GOL L . 35.35 11.38 -4.13
O3 GOL L . 35.33 12.78 -4.35
H11 GOL L . 33.02 10.82 -3.39
H12 GOL L . 32.32 11.10 -4.80
HO1 GOL L . 31.73 9.17 -4.02
H2 GOL L . 34.66 9.75 -5.16
HO2 GOL L . 34.73 11.98 -6.25
H31 GOL L . 36.25 11.03 -4.34
H32 GOL L . 35.16 11.20 -3.18
HO3 GOL L . 35.54 12.93 -5.16
C1 GOL M . 5.63 16.11 -19.97
O1 GOL M . 5.63 16.61 -21.30
C2 GOL M . 6.92 15.37 -19.64
O2 GOL M . 6.93 15.02 -18.26
C3 GOL M . 8.17 16.15 -19.98
O3 GOL M . 8.62 16.91 -18.86
H11 GOL M . 4.86 15.50 -19.85
H12 GOL M . 5.52 16.86 -19.33
HO1 GOL M . 4.82 17.00 -21.39
H2 GOL M . 6.93 14.53 -20.17
HO2 GOL M . 7.64 15.32 -17.92
H31 GOL M . 7.99 16.76 -20.73
H32 GOL M . 8.88 15.51 -20.25
HO3 GOL M . 8.00 17.42 -18.61
C1 GOL N . 41.79 40.03 -13.43
O1 GOL N . 40.66 39.57 -12.70
C2 GOL N . 42.33 38.97 -14.37
O2 GOL N . 43.30 39.54 -15.23
C3 GOL N . 42.93 37.79 -13.64
O3 GOL N . 42.58 36.55 -14.26
H11 GOL N . 42.50 40.30 -12.80
H12 GOL N . 41.53 40.83 -13.96
HO1 GOL N . 40.39 40.12 -12.11
H2 GOL N . 41.58 38.64 -14.92
HO2 GOL N . 44.00 39.11 -15.12
H31 GOL N . 42.61 37.78 -12.70
H32 GOL N . 43.91 37.88 -13.62
HO3 GOL N . 42.94 36.53 -15.02
C1 GOL O . 22.93 -0.52 4.99
O1 GOL O . 21.64 -1.01 5.31
C2 GOL O . 23.83 -0.43 6.21
O2 GOL O . 23.04 -0.19 7.37
C3 GOL O . 24.89 0.65 6.12
O3 GOL O . 25.35 0.85 4.78
H11 GOL O . 22.85 0.36 4.58
H12 GOL O . 23.36 -1.12 4.32
HO1 GOL O . 21.19 -1.06 4.60
H2 GOL O . 24.29 -1.29 6.32
HO2 GOL O . 23.34 0.51 7.77
H31 GOL O . 25.67 0.39 6.67
H32 GOL O . 24.54 1.49 6.47
HO3 GOL O . 25.73 0.15 4.51
C1 GOL P . 32.27 41.43 -5.59
O1 GOL P . 33.31 41.25 -4.64
C2 GOL P . 32.73 42.27 -6.77
O2 GOL P . 31.72 42.25 -7.79
C3 GOL P . 33.06 43.69 -6.39
O3 GOL P . 32.12 44.63 -6.91
H11 GOL P . 31.51 41.89 -5.15
H12 GOL P . 31.96 40.55 -5.92
HO1 GOL P . 33.05 40.80 -3.99
H2 GOL P . 33.54 41.85 -7.13
HO2 GOL P . 31.54 43.10 -7.93
H31 GOL P . 33.96 43.92 -6.74
H32 GOL P . 33.08 43.77 -5.40
HO3 GOL P . 32.17 44.61 -7.75
MN MN Q . 16.34 21.84 -8.62
MN MN R . 18.16 19.38 -9.67
S SO4 S . 31.47 26.45 -25.98
O1 SO4 S . 32.75 25.81 -25.86
O2 SO4 S . 30.48 25.73 -25.22
O3 SO4 S . 31.07 26.48 -27.36
O4 SO4 S . 31.56 27.80 -25.48
S SO4 T . -6.32 21.02 -8.06
O1 SO4 T . -7.25 20.87 -6.98
O2 SO4 T . -6.58 20.01 -9.05
O3 SO4 T . -4.97 20.85 -7.56
O4 SO4 T . -6.45 22.32 -8.63
S SO4 U . 10.54 10.73 -11.87
O1 SO4 U . 11.68 9.93 -12.20
O2 SO4 U . 9.38 9.88 -11.70
O3 SO4 U . 10.77 11.46 -10.65
O4 SO4 U . 10.29 11.66 -12.95
S SO4 V . -6.92 30.97 -6.75
O1 SO4 V . -7.92 29.97 -6.48
O2 SO4 V . -5.69 30.61 -6.10
O3 SO4 V . -6.71 31.08 -8.17
O4 SO4 V . -7.36 32.24 -6.23
S SO4 W . 26.78 50.19 -3.26
O1 SO4 W . 27.90 49.35 -3.60
O2 SO4 W . 26.13 49.69 -2.08
O3 SO4 W . 25.84 50.21 -4.35
O4 SO4 W . 27.25 51.53 -3.02
S SO4 X . 34.90 32.60 -22.43
O1 SO4 X . 35.72 31.55 -21.87
O2 SO4 X . 33.97 33.06 -21.44
O3 SO4 X . 35.75 33.69 -22.84
O4 SO4 X . 34.17 32.10 -23.56
S SO4 Y . 15.18 19.31 -9.50
O1 SO4 Y . 14.77 18.79 -10.77
O2 SO4 Y . 15.48 18.21 -8.62
O3 SO4 Y . 14.11 20.08 -8.92
O4 SO4 Y . 16.35 20.15 -9.66
S SO4 Z . 14.85 28.15 19.16
O1 SO4 Z . 15.10 28.55 20.52
O2 SO4 Z . 14.12 26.91 19.16
O3 SO4 Z . 16.10 27.98 18.47
O4 SO4 Z . 14.06 29.16 18.50
S SO4 AA . 21.97 27.45 -29.36
O1 SO4 AA . 22.52 27.33 -28.04
O2 SO4 AA . 20.84 26.56 -29.49
O3 SO4 AA . 22.98 27.09 -30.33
O4 SO4 AA . 21.54 28.81 -29.59
C1 GOL BA . 14.83 -2.15 -2.71
O1 GOL BA . 13.68 -2.72 -2.09
C2 GOL BA . 14.69 -0.64 -2.83
O2 GOL BA . 13.80 -0.17 -1.82
C3 GOL BA . 14.23 -0.17 -4.20
O3 GOL BA . 13.67 -1.23 -4.98
H11 GOL BA . 14.96 -2.54 -3.60
H12 GOL BA . 15.62 -2.35 -2.16
HO1 GOL BA . 13.83 -3.60 -2.06
H2 GOL BA . 15.57 -0.25 -2.66
HO2 GOL BA . 13.13 0.22 -2.16
H31 GOL BA . 15.00 0.22 -4.69
H32 GOL BA . 13.55 0.54 -4.09
HO3 GOL BA . 12.97 -1.51 -4.60
C1 GOL CA . 3.33 -15.95 15.40
O1 GOL CA . 2.29 -15.22 14.75
C2 GOL CA . 4.24 -15.03 16.19
O2 GOL CA . 5.56 -15.56 16.21
C3 GOL CA . 3.76 -14.80 17.62
O3 GOL CA . 4.49 -13.75 18.24
H11 GOL CA . 3.87 -16.43 14.72
H12 GOL CA . 2.94 -16.63 16.01
HO1 GOL CA . 1.87 -15.77 14.30
H2 GOL CA . 4.26 -14.16 15.74
HO2 GOL CA . 5.87 -15.57 16.98
H31 GOL CA . 3.88 -15.63 18.13
H32 GOL CA . 2.80 -14.57 17.60
HO3 GOL CA . 5.30 -13.99 18.33
C1 GOL DA . -12.67 -39.37 2.22
O1 GOL DA . -13.66 -40.17 1.60
C2 GOL DA . -11.46 -39.16 1.35
O2 GOL DA . -11.86 -39.01 -0.02
C3 GOL DA . -10.62 -37.96 1.76
O3 GOL DA . -10.51 -37.86 3.17
H11 GOL DA . -12.39 -39.80 3.07
H12 GOL DA . -13.06 -38.48 2.44
HO1 GOL DA . -14.27 -40.29 2.17
H2 GOL DA . -10.89 -39.96 1.42
HO2 GOL DA . -11.58 -38.23 -0.28
H31 GOL DA . -11.04 -37.14 1.41
H32 GOL DA . -9.72 -38.05 1.36
HO3 GOL DA . -10.08 -38.53 3.46
S SO4 EA . 13.11 -1.74 23.91
O1 SO4 EA . 12.73 -1.91 25.28
O2 SO4 EA . 12.14 -2.38 23.06
O3 SO4 EA . 14.39 -2.34 23.67
O4 SO4 EA . 13.17 -0.33 23.61
S SO4 FA . 0.12 -17.45 12.01
O1 SO4 FA . -1.19 -16.86 12.10
O2 SO4 FA . -0.01 -18.88 12.04
O3 SO4 FA . 0.74 -17.05 10.78
O4 SO4 FA . 0.92 -17.00 13.12
C1 GOL GA . -16.56 -12.20 -15.00
O1 GOL GA . -17.56 -12.79 -14.17
C2 GOL GA . -16.54 -12.83 -16.39
O2 GOL GA . -15.66 -12.09 -17.23
C3 GOL GA . -16.12 -14.28 -16.38
O3 GOL GA . -16.49 -14.95 -17.59
H11 GOL GA . -15.68 -12.34 -14.58
H12 GOL GA . -16.73 -11.24 -15.08
HO1 GOL GA . -17.49 -12.32 -13.47
H2 GOL GA . -17.45 -12.78 -16.76
HO2 GOL GA . -15.10 -12.63 -17.64
H31 GOL GA . -16.55 -14.74 -15.62
H32 GOL GA . -15.14 -14.34 -16.27
HO3 GOL GA . -16.04 -14.59 -18.23
C1 GOL HA . -6.14 7.34 -15.52
O1 GOL HA . -5.10 7.69 -14.59
C2 GOL HA . -5.75 6.16 -16.38
O2 GOL HA . -6.84 5.79 -17.22
C3 GOL HA . -5.33 4.95 -15.57
O3 GOL HA . -6.42 4.35 -14.88
H11 GOL HA . -6.33 8.12 -16.10
H12 GOL HA . -6.96 7.13 -15.02
HO1 GOL HA . -5.36 8.36 -14.17
H2 GOL HA . -4.99 6.43 -16.95
HO2 GOL HA . -7.01 4.97 -17.10
H31 GOL HA . -4.64 5.22 -14.91
H32 GOL HA . -4.92 4.28 -16.17
HO3 GOL HA . -7.15 4.71 -15.15
C1 GOL IA . -39.48 -15.29 -7.46
O1 GOL IA . -39.29 -15.87 -8.74
C2 GOL IA . -38.18 -15.16 -6.69
O2 GOL IA . -38.42 -14.52 -5.44
C3 GOL IA . -37.09 -14.40 -7.45
O3 GOL IA . -36.64 -13.25 -6.73
H11 GOL IA . -40.11 -15.85 -6.93
H12 GOL IA . -39.88 -14.40 -7.56
HO1 GOL IA . -40.06 -15.95 -9.10
H2 GOL IA . -37.83 -16.07 -6.51
HO2 GOL IA . -37.91 -13.83 -5.39
H31 GOL IA . -37.45 -14.11 -8.32
H32 GOL IA . -36.33 -15.01 -7.60
HO3 GOL IA . -36.35 -13.51 -5.97
C1 GOL JA . 2.48 -29.22 -6.24
O1 GOL JA . 2.71 -27.81 -6.21
C2 GOL JA . 1.00 -29.53 -6.35
O2 GOL JA . 0.77 -30.88 -5.95
C3 GOL JA . 0.13 -28.60 -5.55
O3 GOL JA . -1.21 -29.09 -5.42
H11 GOL JA . 2.84 -29.63 -5.42
H12 GOL JA . 2.95 -29.60 -7.02
HO1 GOL JA . 3.48 -27.71 -6.07
H2 GOL JA . 0.74 -29.45 -7.30
HO2 GOL JA . 0.16 -30.91 -5.36
H31 GOL JA . 0.09 -27.71 -5.99
H32 GOL JA . 0.51 -28.48 -4.65
HO3 GOL JA . -1.18 -29.81 -4.96
S SO4 KA . -9.05 4.82 -20.65
O1 SO4 KA . -9.82 5.00 -19.45
O2 SO4 KA . -9.72 3.86 -21.50
O3 SO4 KA . -7.75 4.33 -20.31
O4 SO4 KA . -8.94 6.07 -21.35
S SO4 LA . 7.33 -3.62 -18.84
O1 SO4 LA . 7.07 -4.74 -19.71
O2 SO4 LA . 6.92 -3.96 -17.50
O3 SO4 LA . 6.60 -2.47 -19.29
O4 SO4 LA . 8.74 -3.33 -18.85
S SO4 MA . -26.33 -14.48 8.54
O1 SO4 MA . -27.63 -13.99 8.14
O2 SO4 MA . -26.46 -15.84 9.00
O3 SO4 MA . -25.81 -13.65 9.59
O4 SO4 MA . -25.44 -14.44 7.41
S SO4 NA . -43.83 -27.35 -6.08
O1 SO4 NA . -44.13 -27.54 -7.47
O2 SO4 NA . -44.58 -28.29 -5.29
O3 SO4 NA . -44.20 -26.01 -5.69
O4 SO4 NA . -42.42 -27.54 -5.84
S SO4 OA . 6.04 -16.01 1.72
O1 SO4 OA . 4.69 -15.80 1.28
O2 SO4 OA . 6.40 -17.39 1.52
O3 SO4 OA . 6.15 -15.69 3.11
O4 SO4 OA . 6.93 -15.17 0.96
S SO4 PA . -19.99 4.52 -13.11
O1 SO4 PA . -21.43 4.54 -13.13
O2 SO4 PA . -19.53 3.20 -12.76
O3 SO4 PA . -19.52 5.46 -12.13
O4 SO4 PA . -19.48 4.88 -14.41
#